data_1D53
# 
_entry.id   1D53 
# 
_audit_conform.dict_name       mmcif_pdbx.dic 
_audit_conform.dict_version    5.385 
_audit_conform.dict_location   http://mmcif.pdb.org/dictionaries/ascii/mmcif_pdbx.dic 
# 
loop_
_database_2.database_id 
_database_2.database_code 
_database_2.pdbx_database_accession 
_database_2.pdbx_DOI 
PDB   1D53         pdb_00001d53 10.2210/pdb1d53/pdb 
RCSB  ZDH030       ?            ?                   
WWPDB D_1000172654 ?            ?                   
# 
loop_
_pdbx_audit_revision_history.ordinal 
_pdbx_audit_revision_history.data_content_type 
_pdbx_audit_revision_history.major_revision 
_pdbx_audit_revision_history.minor_revision 
_pdbx_audit_revision_history.revision_date 
1 'Structure model' 1 0 1993-04-13 
2 'Structure model' 1 1 2008-05-22 
3 'Structure model' 1 2 2011-07-13 
4 'Structure model' 1 3 2024-02-07 
# 
_pdbx_audit_revision_details.ordinal             1 
_pdbx_audit_revision_details.revision_ordinal    1 
_pdbx_audit_revision_details.data_content_type   'Structure model' 
_pdbx_audit_revision_details.provider            repository 
_pdbx_audit_revision_details.type                'Initial release' 
_pdbx_audit_revision_details.description         ? 
_pdbx_audit_revision_details.details             ? 
# 
loop_
_pdbx_audit_revision_group.ordinal 
_pdbx_audit_revision_group.revision_ordinal 
_pdbx_audit_revision_group.data_content_type 
_pdbx_audit_revision_group.group 
1 2 'Structure model' 'Version format compliance' 
2 3 'Structure model' 'Version format compliance' 
3 4 'Structure model' 'Data collection'           
4 4 'Structure model' 'Database references'       
# 
loop_
_pdbx_audit_revision_category.ordinal 
_pdbx_audit_revision_category.revision_ordinal 
_pdbx_audit_revision_category.data_content_type 
_pdbx_audit_revision_category.category 
1 4 'Structure model' chem_comp_atom 
2 4 'Structure model' chem_comp_bond 
3 4 'Structure model' database_2     
# 
loop_
_pdbx_audit_revision_item.ordinal 
_pdbx_audit_revision_item.revision_ordinal 
_pdbx_audit_revision_item.data_content_type 
_pdbx_audit_revision_item.item 
1 4 'Structure model' '_database_2.pdbx_DOI'                
2 4 'Structure model' '_database_2.pdbx_database_accession' 
# 
_pdbx_database_status.status_code                     REL 
_pdbx_database_status.entry_id                        1D53 
_pdbx_database_status.recvd_initial_deposition_date   1992-11-05 
_pdbx_database_status.deposit_site                    BNL 
_pdbx_database_status.process_site                    NDB 
_pdbx_database_status.SG_entry                        . 
_pdbx_database_status.pdb_format_compatible           Y 
_pdbx_database_status.status_code_mr                  ? 
_pdbx_database_status.status_code_sf                  ? 
_pdbx_database_status.status_code_cs                  ? 
_pdbx_database_status.status_code_nmr_data            ? 
_pdbx_database_status.methods_development_category    ? 
# 
loop_
_audit_author.name 
_audit_author.pdbx_ordinal 
'Kumar, V.D.'    1 
'Harrison, R.W.' 2 
'Andrews, L.C.'  3 
'Weber, I.T.'    4 
# 
loop_
_citation.id 
_citation.title 
_citation.journal_abbrev 
_citation.journal_volume 
_citation.page_first 
_citation.page_last 
_citation.year 
_citation.journal_id_ASTM 
_citation.country 
_citation.journal_id_ISSN 
_citation.journal_id_CSD 
_citation.book_publisher 
_citation.pdbx_database_id_PubMed 
_citation.pdbx_database_id_DOI 
primary 
;Crystal structure at 1.5-A resolution of d(CGCICICG), an octanucleotide containing inosine, and its comparison with d(CGCG) and d(CGCGCG) structures.
;
Biochemistry           31  1541 1550 1992 BICHAW US 0006-2960 0033 ? 1737011 10.1021/bi00120a035 
1       
;The Molecular Structure of the Left-Handed Z-DNA Double Helix at 1.0 Angstrom Atomic Resolution. Geometry, Conformation, and Ionic Interaction of d(CGCGCG)
;
J.Biol.Chem.           264 7921 7935 1989 JBCHA3 US 0021-9258 0071 ? ?       ?                   
2       'The Octamers d(CGCGCGCG) and d(CGCATGCG) Both Crystallize as Z-DNA in the Same Hexagonal Lattice' Biopolymers            
24  243  250  1985 BIPMAA US 0006-3525 0161 ? ?       ?                   
3       'The Tetramer d(CpGpCpG) Crystallizes as a Left-Handed Double Helix' Proc.Natl.Acad.Sci.USA 77  4016 4020 1980 PNASA6 US 
0027-8424 0040 ? ?       ?                   
4       
;High-Salt d(CpGpCpG), a Left-Handed Z'DNA Double Helix
;
Nature                 286 567  573  1980 NATUAS UK 0028-0836 0006 ? ?       ?                   
# 
loop_
_citation_author.citation_id 
_citation_author.name 
_citation_author.ordinal 
_citation_author.identifier_ORCID 
primary 'Kumar, V.D.'       1  ? 
primary 'Harrison, R.W.'    2  ? 
primary 'Andrews, L.C.'     3  ? 
primary 'Weber, I.T.'       4  ? 
1       'Gessner, R.V.'     5  ? 
1       'Frederick, C.A.'   6  ? 
1       'Quigley, G.J.'     7  ? 
1       'Rich, A.'          8  ? 
1       'Wang, A.H.-J.'     9  ? 
2       'Fujii, S.'         10 ? 
2       'Wang, A.H.-J.'     11 ? 
2       'Quigley, G.J.'     12 ? 
2       'Westerink, H.'     13 ? 
2       'Van Der Marel, G.' 14 ? 
2       'Van Boom, J.H.'    15 ? 
2       'Rich, A.'          16 ? 
3       'Crawford, J.L.'    17 ? 
3       'Kolpak, F.J.'      18 ? 
3       'Wang, A.H.-J.'     19 ? 
3       'Quigley, G.J.'     20 ? 
3       'Van Boom, J.H.'    21 ? 
3       'Van Der Marel, G.' 22 ? 
3       'Rich, A.'          23 ? 
4       'Drew, H.'          24 ? 
4       'Takano, T.'        25 ? 
4       'Tanaka, S.'        26 ? 
4       'Itakura, K.'       27 ? 
4       'Dickerson, R.'     28 ? 
# 
loop_
_entity.id 
_entity.type 
_entity.src_method 
_entity.pdbx_description 
_entity.formula_weight 
_entity.pdbx_number_of_molecules 
_entity.pdbx_ec 
_entity.pdbx_mutation 
_entity.pdbx_fragment 
_entity.details 
1 polymer syn 
;DNA (5'-D(*CP*GP*CP*IP*CP*IP*CP*G)-3')
;
573.430  2  ? ? ? ? 
2 polymer syn 
;DNA (5'-D(*CP*GP*CP*G)-3')
;
1191.818 2  ? ? ? ? 
3 water   nat water                                    18.015   69 ? ? ? ? 
# 
loop_
_entity_poly.entity_id 
_entity_poly.type 
_entity_poly.nstd_linkage 
_entity_poly.nstd_monomer 
_entity_poly.pdbx_seq_one_letter_code 
_entity_poly.pdbx_seq_one_letter_code_can 
_entity_poly.pdbx_strand_id 
_entity_poly.pdbx_target_identifier 
1 polydeoxyribonucleotide no no '(DC)(DG)'         CG   A,B ? 
2 polydeoxyribonucleotide no no '(DC)(DG)(DC)(DG)' CGCG C,D ? 
# 
_pdbx_entity_nonpoly.entity_id   3 
_pdbx_entity_nonpoly.name        water 
_pdbx_entity_nonpoly.comp_id     HOH 
# 
loop_
_entity_poly_seq.entity_id 
_entity_poly_seq.num 
_entity_poly_seq.mon_id 
_entity_poly_seq.hetero 
1 1 DC n 
1 2 DG n 
2 1 DC n 
2 2 DG n 
2 3 DC n 
2 4 DG n 
# 
loop_
_chem_comp.id 
_chem_comp.type 
_chem_comp.mon_nstd_flag 
_chem_comp.name 
_chem_comp.pdbx_synonyms 
_chem_comp.formula 
_chem_comp.formula_weight 
DC  'DNA linking' y "2'-DEOXYCYTIDINE-5'-MONOPHOSPHATE"  ? 'C9 H14 N3 O7 P'  307.197 
DG  'DNA linking' y "2'-DEOXYGUANOSINE-5'-MONOPHOSPHATE" ? 'C10 H14 N5 O7 P' 347.221 
HOH non-polymer   . WATER                                ? 'H2 O'            18.015  
# 
loop_
_pdbx_poly_seq_scheme.asym_id 
_pdbx_poly_seq_scheme.entity_id 
_pdbx_poly_seq_scheme.seq_id 
_pdbx_poly_seq_scheme.mon_id 
_pdbx_poly_seq_scheme.ndb_seq_num 
_pdbx_poly_seq_scheme.pdb_seq_num 
_pdbx_poly_seq_scheme.auth_seq_num 
_pdbx_poly_seq_scheme.pdb_mon_id 
_pdbx_poly_seq_scheme.auth_mon_id 
_pdbx_poly_seq_scheme.pdb_strand_id 
_pdbx_poly_seq_scheme.pdb_ins_code 
_pdbx_poly_seq_scheme.hetero 
A 1 1 DC 1 1  1  DC C A . n 
A 1 2 DG 2 2  2  DG G A . n 
B 1 1 DC 1 3  3  DC C B . n 
B 1 2 DG 2 4  4  DG G B . n 
C 2 1 DC 1 5  5  DC C C . n 
C 2 2 DG 2 6  6  DG G C . n 
C 2 3 DC 3 7  7  DC C C . n 
C 2 4 DG 4 8  8  DG G C . n 
D 2 1 DC 1 9  9  DC C D . n 
D 2 2 DG 2 10 10 DG G D . n 
D 2 3 DC 3 11 11 DC C D . n 
D 2 4 DG 4 12 12 DG G D . n 
# 
loop_
_pdbx_nonpoly_scheme.asym_id 
_pdbx_nonpoly_scheme.entity_id 
_pdbx_nonpoly_scheme.mon_id 
_pdbx_nonpoly_scheme.ndb_seq_num 
_pdbx_nonpoly_scheme.pdb_seq_num 
_pdbx_nonpoly_scheme.auth_seq_num 
_pdbx_nonpoly_scheme.pdb_mon_id 
_pdbx_nonpoly_scheme.auth_mon_id 
_pdbx_nonpoly_scheme.pdb_strand_id 
_pdbx_nonpoly_scheme.pdb_ins_code 
E 3 HOH 1  27 27 HOH HOH A . 
E 3 HOH 2  51 51 HOH HOH A . 
E 3 HOH 3  61 61 HOH HOH A . 
E 3 HOH 4  67 67 HOH HOH A . 
E 3 HOH 5  70 70 HOH HOH A . 
E 3 HOH 6  75 75 HOH HOH A . 
F 3 HOH 1  15 15 HOH HOH B . 
F 3 HOH 2  17 17 HOH HOH B . 
F 3 HOH 3  19 19 HOH HOH B . 
F 3 HOH 4  28 28 HOH HOH B . 
F 3 HOH 5  29 29 HOH HOH B . 
F 3 HOH 6  34 34 HOH HOH B . 
F 3 HOH 7  42 42 HOH HOH B . 
F 3 HOH 8  44 44 HOH HOH B . 
F 3 HOH 9  46 46 HOH HOH B . 
F 3 HOH 10 47 47 HOH HOH B . 
F 3 HOH 11 48 48 HOH HOH B . 
F 3 HOH 12 52 52 HOH HOH B . 
F 3 HOH 13 55 55 HOH HOH B . 
F 3 HOH 14 59 59 HOH HOH B . 
F 3 HOH 15 60 60 HOH HOH B . 
F 3 HOH 16 63 63 HOH HOH B . 
F 3 HOH 17 64 64 HOH HOH B . 
F 3 HOH 18 72 72 HOH HOH B . 
F 3 HOH 19 76 76 HOH HOH B . 
G 3 HOH 1  20 20 HOH HOH C . 
G 3 HOH 2  22 22 HOH HOH C . 
G 3 HOH 3  23 23 HOH HOH C . 
G 3 HOH 4  31 31 HOH HOH C . 
G 3 HOH 5  32 32 HOH HOH C . 
G 3 HOH 6  39 39 HOH HOH C . 
G 3 HOH 7  41 41 HOH HOH C . 
G 3 HOH 8  45 45 HOH HOH C . 
G 3 HOH 9  49 49 HOH HOH C . 
G 3 HOH 10 53 53 HOH HOH C . 
G 3 HOH 11 56 56 HOH HOH C . 
G 3 HOH 12 66 66 HOH HOH C . 
G 3 HOH 13 68 68 HOH HOH C . 
G 3 HOH 14 73 73 HOH HOH C . 
G 3 HOH 15 78 78 HOH HOH C . 
H 3 HOH 1  13 13 HOH HOH D . 
H 3 HOH 2  14 14 HOH HOH D . 
H 3 HOH 3  16 16 HOH HOH D . 
H 3 HOH 4  18 18 HOH HOH D . 
H 3 HOH 5  21 21 HOH HOH D . 
H 3 HOH 6  24 24 HOH HOH D . 
H 3 HOH 7  25 25 HOH HOH D . 
H 3 HOH 8  26 26 HOH HOH D . 
H 3 HOH 9  30 30 HOH HOH D . 
H 3 HOH 10 33 33 HOH HOH D . 
H 3 HOH 11 35 35 HOH HOH D . 
H 3 HOH 12 36 36 HOH HOH D . 
H 3 HOH 13 37 37 HOH HOH D . 
H 3 HOH 14 38 38 HOH HOH D . 
H 3 HOH 15 40 40 HOH HOH D . 
H 3 HOH 16 43 43 HOH HOH D . 
H 3 HOH 17 50 50 HOH HOH D . 
H 3 HOH 18 54 54 HOH HOH D . 
H 3 HOH 19 57 57 HOH HOH D . 
H 3 HOH 20 58 58 HOH HOH D . 
H 3 HOH 21 62 62 HOH HOH D . 
H 3 HOH 22 65 65 HOH HOH D . 
H 3 HOH 23 69 69 HOH HOH D . 
H 3 HOH 24 71 71 HOH HOH D . 
H 3 HOH 25 74 74 HOH HOH D . 
H 3 HOH 26 77 77 HOH HOH D . 
H 3 HOH 27 79 79 HOH HOH D . 
H 3 HOH 28 80 80 HOH HOH D . 
H 3 HOH 29 81 81 HOH HOH D . 
# 
loop_
_software.name 
_software.classification 
_software.version 
_software.citation_id 
_software.pdbx_ordinal 
X-PLOR refinement . ? 1 
NUCLSQ refinement . ? 2 
# 
_cell.entry_id           1D53 
_cell.length_a           31.000 
_cell.length_b           31.000 
_cell.length_c           43.700 
_cell.angle_alpha        90.00 
_cell.angle_beta         90.00 
_cell.angle_gamma        120.00 
_cell.Z_PDB              12 
_cell.pdbx_unique_axis   ? 
# 
_symmetry.entry_id                         1D53 
_symmetry.space_group_name_H-M             'P 65' 
_symmetry.pdbx_full_space_group_name_H-M   ? 
_symmetry.cell_setting                     ? 
_symmetry.Int_Tables_number                170 
# 
_exptl.entry_id          1D53 
_exptl.method            'X-RAY DIFFRACTION' 
_exptl.crystals_number   ? 
# 
_exptl_crystal.id                    1 
_exptl_crystal.density_meas          ? 
_exptl_crystal.density_percent_sol   28.36 
_exptl_crystal.density_Matthews      1.72 
_exptl_crystal.description           ? 
# 
_exptl_crystal_grow.crystal_id      1 
_exptl_crystal_grow.method          'VAPOR DIFFUSION, HANGING DROP' 
_exptl_crystal_grow.temp            ? 
_exptl_crystal_grow.temp_details    'ROOM TEMPERATURE' 
_exptl_crystal_grow.pH              ? 
_exptl_crystal_grow.pdbx_details    'VAPOR DIFFUSION, HANGING DROP' 
_exptl_crystal_grow.pdbx_pH_range   . 
# 
loop_
_exptl_crystal_grow_comp.crystal_id 
_exptl_crystal_grow_comp.id 
_exptl_crystal_grow_comp.sol_id 
_exptl_crystal_grow_comp.name 
_exptl_crystal_grow_comp.volume 
_exptl_crystal_grow_comp.conc 
_exptl_crystal_grow_comp.details 
1 1 1 WATER        ? ? ? 
1 2 1 MPD          ? ? ? 
1 3 1 SPERMINE     ? ? ? 
1 4 1 'MG ACETATE' ? ? ? 
# 
_diffrn.id                     1 
_diffrn.ambient_temp           ? 
_diffrn.ambient_temp_details   ? 
_diffrn.crystal_id             1 
# 
_diffrn_detector.diffrn_id              1 
_diffrn_detector.detector               'AREA DETECTOR' 
_diffrn_detector.type                   SIEMENS 
_diffrn_detector.pdbx_collection_date   ? 
_diffrn_detector.details                ? 
# 
_diffrn_radiation.diffrn_id                        1 
_diffrn_radiation.wavelength_id                    1 
_diffrn_radiation.pdbx_monochromatic_or_laue_m_l   M 
_diffrn_radiation.monochromator                    ? 
_diffrn_radiation.pdbx_diffrn_protocol             'SINGLE WAVELENGTH' 
_diffrn_radiation.pdbx_scattering_type             x-ray 
# 
_diffrn_radiation_wavelength.id           1 
_diffrn_radiation_wavelength.wavelength   . 
_diffrn_radiation_wavelength.wt           1.0 
# 
_diffrn_source.diffrn_id                   1 
_diffrn_source.source                      'ROTATING ANODE' 
_diffrn_source.type                        'RIGAKU RU200' 
_diffrn_source.pdbx_synchrotron_site       ? 
_diffrn_source.pdbx_synchrotron_beamline   ? 
_diffrn_source.pdbx_wavelength             ? 
_diffrn_source.pdbx_wavelength_list        ? 
# 
_reflns.entry_id                     1D53 
_reflns.observed_criterion_sigma_I   ? 
_reflns.observed_criterion_sigma_F   ? 
_reflns.d_resolution_low             10.000 
_reflns.d_resolution_high            1.500 
_reflns.number_obs                   1971 
_reflns.number_all                   9882 
_reflns.percent_possible_obs         ? 
_reflns.pdbx_Rmerge_I_obs            ? 
_reflns.pdbx_Rsym_value              ? 
_reflns.pdbx_netI_over_sigmaI        ? 
_reflns.B_iso_Wilson_estimate        ? 
_reflns.pdbx_redundancy              ? 
_reflns.R_free_details               ? 
_reflns.pdbx_diffrn_id               1 
_reflns.pdbx_ordinal                 1 
# 
_refine.entry_id                                 1D53 
_refine.ls_number_reflns_obs                     2503 
_refine.ls_number_reflns_all                     ? 
_refine.pdbx_ls_sigma_I                          ? 
_refine.pdbx_ls_sigma_F                          3.000 
_refine.pdbx_data_cutoff_high_absF               ? 
_refine.pdbx_data_cutoff_low_absF                ? 
_refine.pdbx_data_cutoff_high_rms_absF           ? 
_refine.ls_d_res_low                             5.000 
_refine.ls_d_res_high                            1.500 
_refine.ls_percent_reflns_obs                    ? 
_refine.ls_R_factor_obs                          0.2250000 
_refine.ls_R_factor_all                          ? 
_refine.ls_R_factor_R_work                       0.2250000 
_refine.ls_R_factor_R_free                       ? 
_refine.ls_R_factor_R_free_error                 ? 
_refine.ls_R_factor_R_free_error_details         ? 
_refine.ls_percent_reflns_R_free                 ? 
_refine.ls_number_reflns_R_free                  ? 
_refine.ls_number_parameters                     ? 
_refine.ls_number_restraints                     ? 
_refine.occupancy_min                            ? 
_refine.occupancy_max                            ? 
_refine.B_iso_mean                               ? 
_refine.aniso_B[1][1]                            ? 
_refine.aniso_B[2][2]                            ? 
_refine.aniso_B[3][3]                            ? 
_refine.aniso_B[1][2]                            ? 
_refine.aniso_B[1][3]                            ? 
_refine.aniso_B[2][3]                            ? 
_refine.solvent_model_details                    ? 
_refine.solvent_model_param_ksol                 ? 
_refine.solvent_model_param_bsol                 ? 
_refine.pdbx_ls_cross_valid_method               ? 
_refine.details                                  ? 
_refine.pdbx_starting_model                      ? 
_refine.pdbx_method_to_determine_struct          ? 
_refine.pdbx_isotropic_thermal_model             ? 
_refine.pdbx_stereochemistry_target_values       ? 
_refine.pdbx_stereochem_target_val_spec_case     ? 
_refine.pdbx_R_Free_selection_details            ? 
_refine.pdbx_overall_ESU_R                       ? 
_refine.pdbx_overall_ESU_R_Free                  ? 
_refine.overall_SU_ML                            ? 
_refine.overall_SU_B                             ? 
_refine.ls_redundancy_reflns_obs                 ? 
_refine.correlation_coeff_Fo_to_Fc               ? 
_refine.correlation_coeff_Fo_to_Fc_free          ? 
_refine.pdbx_solvent_vdw_probe_radii             ? 
_refine.pdbx_solvent_ion_probe_radii             ? 
_refine.pdbx_solvent_shrinkage_radii             ? 
_refine.overall_SU_R_Cruickshank_DPI             ? 
_refine.overall_SU_R_free                        ? 
_refine.pdbx_refine_id                           'X-RAY DIFFRACTION' 
_refine.pdbx_diffrn_id                           1 
_refine.pdbx_TLS_residual_ADP_flag               ? 
_refine.pdbx_overall_phase_error                 ? 
_refine.pdbx_overall_SU_R_free_Cruickshank_DPI   ? 
_refine.pdbx_overall_SU_R_Blow_DPI               ? 
_refine.pdbx_overall_SU_R_free_Blow_DPI          ? 
# 
_refine_hist.pdbx_refine_id                   'X-RAY DIFFRACTION' 
_refine_hist.cycle_id                         LAST 
_refine_hist.pdbx_number_atoms_protein        0 
_refine_hist.pdbx_number_atoms_nucleic_acid   234 
_refine_hist.pdbx_number_atoms_ligand         0 
_refine_hist.number_atoms_solvent             69 
_refine_hist.number_atoms_total               303 
_refine_hist.d_res_high                       1.500 
_refine_hist.d_res_low                        5.000 
# 
_struct.entry_id                  1D53 
_struct.title                     
;CRYSTAL STRUCTURE AT 1.5 ANGSTROMS RESOLUTION OF D(CGCICICG), AN OCTANUCLEOTIDE CONTAINING INOSINE, AND ITS COMPARISON WITH D(CGCG) AND D(CGCGCG) STRUCTURES
;
_struct.pdbx_model_details        ? 
_struct.pdbx_CASP_flag            ? 
_struct.pdbx_model_type_details   ? 
# 
_struct_keywords.entry_id        1D53 
_struct_keywords.pdbx_keywords   DNA 
_struct_keywords.text            'Z-DNA, DOUBLE HELIX, DNA' 
# 
loop_
_struct_asym.id 
_struct_asym.pdbx_blank_PDB_chainid_flag 
_struct_asym.pdbx_modified 
_struct_asym.entity_id 
_struct_asym.details 
A N N 1 ? 
B N N 1 ? 
C N N 2 ? 
D N N 2 ? 
E N N 3 ? 
F N N 3 ? 
G N N 3 ? 
H N N 3 ? 
# 
loop_
_struct_ref.id 
_struct_ref.entity_id 
_struct_ref.db_name 
_struct_ref.db_code 
_struct_ref.pdbx_db_accession 
_struct_ref.pdbx_db_isoform 
_struct_ref.pdbx_seq_one_letter_code 
_struct_ref.pdbx_align_begin 
1 1 PDB 1D53 1D53 ? ? ? 
2 2 PDB 1D53 1D53 ? ? ? 
# 
loop_
_struct_ref_seq.align_id 
_struct_ref_seq.ref_id 
_struct_ref_seq.pdbx_PDB_id_code 
_struct_ref_seq.pdbx_strand_id 
_struct_ref_seq.seq_align_beg 
_struct_ref_seq.pdbx_seq_align_beg_ins_code 
_struct_ref_seq.seq_align_end 
_struct_ref_seq.pdbx_seq_align_end_ins_code 
_struct_ref_seq.pdbx_db_accession 
_struct_ref_seq.db_align_beg 
_struct_ref_seq.pdbx_db_align_beg_ins_code 
_struct_ref_seq.db_align_end 
_struct_ref_seq.pdbx_db_align_end_ins_code 
_struct_ref_seq.pdbx_auth_seq_align_beg 
_struct_ref_seq.pdbx_auth_seq_align_end 
1 1 1D53 A 1 ? 2 ? 1D53 1 ? 2  ? 1 2  
2 1 1D53 B 1 ? 2 ? 1D53 3 ? 4  ? 3 4  
3 2 1D53 C 1 ? 4 ? 1D53 5 ? 8  ? 5 8  
4 2 1D53 D 1 ? 4 ? 1D53 9 ? 12 ? 9 12 
# 
loop_
_pdbx_struct_assembly.id 
_pdbx_struct_assembly.details 
_pdbx_struct_assembly.method_details 
_pdbx_struct_assembly.oligomeric_details 
_pdbx_struct_assembly.oligomeric_count 
1 author_defined_assembly ? octameric  8 
2 author_defined_assembly ? tetrameric 4 
# 
loop_
_pdbx_struct_assembly_gen.assembly_id 
_pdbx_struct_assembly_gen.oper_expression 
_pdbx_struct_assembly_gen.asym_id_list 
1 1,2,3,4 A,B,E,F 
2 1,5     C,D,G,H 
# 
loop_
_pdbx_struct_oper_list.id 
_pdbx_struct_oper_list.type 
_pdbx_struct_oper_list.name 
_pdbx_struct_oper_list.symmetry_operation 
_pdbx_struct_oper_list.matrix[1][1] 
_pdbx_struct_oper_list.matrix[1][2] 
_pdbx_struct_oper_list.matrix[1][3] 
_pdbx_struct_oper_list.vector[1] 
_pdbx_struct_oper_list.matrix[2][1] 
_pdbx_struct_oper_list.matrix[2][2] 
_pdbx_struct_oper_list.matrix[2][3] 
_pdbx_struct_oper_list.vector[2] 
_pdbx_struct_oper_list.matrix[3][1] 
_pdbx_struct_oper_list.matrix[3][2] 
_pdbx_struct_oper_list.matrix[3][3] 
_pdbx_struct_oper_list.vector[3] 
1 'identity operation'         1_555 x,y,z          1.0000000000  0.0000000000  0.0000000000  0.0000000000  0.0000000000  1.0000000000 0.0000000000 0.0000000000   0.0000000000  0.0000000000 1.0000000000  0.0000000000  
2 'crystal symmetry operation' 6_554 x-y,x,z-1/6    0.5029457049  0.4316188447  -0.7488329526 5.0450318327  -0.3636882236 0.8916354063 0.2696612285 11.8302920817  0.7840768419  0.1367167696 0.6054188888  -7.7836303690 
3 'crystal symmetry operation' 3_555 -x+y,-x,z+1/3  -0.4911628854 -0.2957576025 0.8193207312  20.2222460789 0.4995494657  0.6749062190 0.5430947678 -17.9390170256 -0.7135890633 0.6760392267 -0.1837433336 -0.5277803271 
4 'crystal symmetry operation' 5_555 y,-x+y,z+1/6   0.5029457049  -0.3636882236 0.7840768419  7.8681251387  0.4316188447  0.8916354063 0.1367167696 -11.6616852982 -0.7488329526 0.2696612285 0.6054188888  5.3000718353  
5 'crystal symmetry operation' 2_654 -y+1,x-y,z-1/3 -0.4911628854 0.4995494657  -0.7135890633 -4.7959798610 -0.2957576025 0.6749062190 0.6760392267 10.6644228299  0.8193207312  0.5430947678 -0.1837433336 11.9704801866 
# 
loop_
_struct_biol.id 
_struct_biol.pdbx_parent_biol_id 
_struct_biol.details 
1 ? ? 
2 ? ? 
# 
loop_
_struct_conn.id 
_struct_conn.conn_type_id 
_struct_conn.pdbx_leaving_atom_flag 
_struct_conn.pdbx_PDB_id 
_struct_conn.ptnr1_label_asym_id 
_struct_conn.ptnr1_label_comp_id 
_struct_conn.ptnr1_label_seq_id 
_struct_conn.ptnr1_label_atom_id 
_struct_conn.pdbx_ptnr1_label_alt_id 
_struct_conn.pdbx_ptnr1_PDB_ins_code 
_struct_conn.pdbx_ptnr1_standard_comp_id 
_struct_conn.ptnr1_symmetry 
_struct_conn.ptnr2_label_asym_id 
_struct_conn.ptnr2_label_comp_id 
_struct_conn.ptnr2_label_seq_id 
_struct_conn.ptnr2_label_atom_id 
_struct_conn.pdbx_ptnr2_label_alt_id 
_struct_conn.pdbx_ptnr2_PDB_ins_code 
_struct_conn.ptnr1_auth_asym_id 
_struct_conn.ptnr1_auth_comp_id 
_struct_conn.ptnr1_auth_seq_id 
_struct_conn.ptnr2_auth_asym_id 
_struct_conn.ptnr2_auth_comp_id 
_struct_conn.ptnr2_auth_seq_id 
_struct_conn.ptnr2_symmetry 
_struct_conn.pdbx_ptnr3_label_atom_id 
_struct_conn.pdbx_ptnr3_label_seq_id 
_struct_conn.pdbx_ptnr3_label_comp_id 
_struct_conn.pdbx_ptnr3_label_asym_id 
_struct_conn.pdbx_ptnr3_label_alt_id 
_struct_conn.pdbx_ptnr3_PDB_ins_code 
_struct_conn.details 
_struct_conn.pdbx_dist_value 
_struct_conn.pdbx_value_order 
_struct_conn.pdbx_role 
hydrog1  hydrog ? ? A DC 1 N3 ? ? ? 1_555 B DG 2 N1 ? ? A DC 1 B DG 4  1_555 ? ? ? ? ? ? WATSON-CRICK ? ? ? 
hydrog2  hydrog ? ? A DC 1 N4 ? ? ? 1_555 B DG 2 O6 ? ? A DC 1 B DG 4  1_555 ? ? ? ? ? ? WATSON-CRICK ? ? ? 
hydrog3  hydrog ? ? A DC 1 O2 ? ? ? 1_555 B DG 2 N2 ? ? A DC 1 B DG 4  1_555 ? ? ? ? ? ? WATSON-CRICK ? ? ? 
hydrog4  hydrog ? ? A DG 2 N1 ? ? ? 1_555 B DC 1 N3 ? ? A DG 2 B DC 3  1_555 ? ? ? ? ? ? WATSON-CRICK ? ? ? 
hydrog5  hydrog ? ? A DG 2 N2 ? ? ? 1_555 B DC 1 O2 ? ? A DG 2 B DC 3  1_555 ? ? ? ? ? ? WATSON-CRICK ? ? ? 
hydrog6  hydrog ? ? A DG 2 O6 ? ? ? 1_555 B DC 1 N4 ? ? A DG 2 B DC 3  1_555 ? ? ? ? ? ? WATSON-CRICK ? ? ? 
hydrog7  hydrog ? ? C DC 1 N3 ? ? ? 1_555 D DG 4 N1 ? ? C DC 5 D DG 12 1_555 ? ? ? ? ? ? WATSON-CRICK ? ? ? 
hydrog8  hydrog ? ? C DC 1 N4 ? ? ? 1_555 D DG 4 O6 ? ? C DC 5 D DG 12 1_555 ? ? ? ? ? ? WATSON-CRICK ? ? ? 
hydrog9  hydrog ? ? C DC 1 O2 ? ? ? 1_555 D DG 4 N2 ? ? C DC 5 D DG 12 1_555 ? ? ? ? ? ? WATSON-CRICK ? ? ? 
hydrog10 hydrog ? ? C DG 2 N1 ? ? ? 1_555 D DC 3 N3 ? ? C DG 6 D DC 11 1_555 ? ? ? ? ? ? WATSON-CRICK ? ? ? 
hydrog11 hydrog ? ? C DG 2 N2 ? ? ? 1_555 D DC 3 O2 ? ? C DG 6 D DC 11 1_555 ? ? ? ? ? ? WATSON-CRICK ? ? ? 
hydrog12 hydrog ? ? C DG 2 O6 ? ? ? 1_555 D DC 3 N4 ? ? C DG 6 D DC 11 1_555 ? ? ? ? ? ? WATSON-CRICK ? ? ? 
hydrog13 hydrog ? ? C DC 3 N3 ? ? ? 1_555 D DG 2 N1 ? ? C DC 7 D DG 10 1_555 ? ? ? ? ? ? WATSON-CRICK ? ? ? 
hydrog14 hydrog ? ? C DC 3 N4 ? ? ? 1_555 D DG 2 O6 ? ? C DC 7 D DG 10 1_555 ? ? ? ? ? ? WATSON-CRICK ? ? ? 
hydrog15 hydrog ? ? C DC 3 O2 ? ? ? 1_555 D DG 2 N2 ? ? C DC 7 D DG 10 1_555 ? ? ? ? ? ? WATSON-CRICK ? ? ? 
hydrog16 hydrog ? ? C DG 4 N1 ? ? ? 1_555 D DC 1 N3 ? ? C DG 8 D DC 9  1_555 ? ? ? ? ? ? WATSON-CRICK ? ? ? 
hydrog17 hydrog ? ? C DG 4 N2 ? ? ? 1_555 D DC 1 O2 ? ? C DG 8 D DC 9  1_555 ? ? ? ? ? ? WATSON-CRICK ? ? ? 
hydrog18 hydrog ? ? C DG 4 O6 ? ? ? 1_555 D DC 1 N4 ? ? C DG 8 D DC 9  1_555 ? ? ? ? ? ? WATSON-CRICK ? ? ? 
# 
_struct_conn_type.id          hydrog 
_struct_conn_type.criteria    ? 
_struct_conn_type.reference   ? 
# 
loop_
_pdbx_validate_close_contact.id 
_pdbx_validate_close_contact.PDB_model_num 
_pdbx_validate_close_contact.auth_atom_id_1 
_pdbx_validate_close_contact.auth_asym_id_1 
_pdbx_validate_close_contact.auth_comp_id_1 
_pdbx_validate_close_contact.auth_seq_id_1 
_pdbx_validate_close_contact.PDB_ins_code_1 
_pdbx_validate_close_contact.label_alt_id_1 
_pdbx_validate_close_contact.auth_atom_id_2 
_pdbx_validate_close_contact.auth_asym_id_2 
_pdbx_validate_close_contact.auth_comp_id_2 
_pdbx_validate_close_contact.auth_seq_id_2 
_pdbx_validate_close_contact.PDB_ins_code_2 
_pdbx_validate_close_contact.label_alt_id_2 
_pdbx_validate_close_contact.dist 
1  1 C4    B DC  3  ? ? O B HOH 44 ? ? 1.67 
2  1 "O5'" D DG  10 ? ? O D HOH 16 ? ? 1.73 
3  1 OP2   C DG  8  ? ? O C HOH 32 ? ? 1.83 
4  1 C5    B DC  3  ? ? O B HOH 44 ? ? 1.87 
5  1 "O5'" C DC  7  ? ? O C HOH 45 ? ? 1.90 
6  1 O     B HOH 17 ? ? O B HOH 29 ? ? 1.90 
7  1 O     B HOH 72 ? ? O D HOH 71 ? ? 1.90 
8  1 "O3'" B DC  3  ? ? O B HOH 59 ? ? 1.98 
9  1 "C1'" B DG  4  ? ? O B HOH 42 ? ? 2.01 
10 1 "O5'" D DG  12 ? ? O D HOH 69 ? ? 2.01 
11 1 N2    D DG  12 ? ? O D HOH 18 ? ? 2.04 
12 1 N3    D DG  12 ? ? O D HOH 18 ? ? 2.10 
13 1 OP2   B DG  4  ? ? O B HOH 47 ? ? 2.13 
14 1 "O5'" D DC  11 ? ? O D HOH 54 ? ? 2.13 
15 1 O     B HOH 15 ? ? O D HOH 71 ? ? 2.14 
16 1 OP2   B DG  4  ? ? O B HOH 48 ? ? 2.14 
17 1 O     D HOH 33 ? ? O D HOH 36 ? ? 2.16 
18 1 "O5'" B DG  4  ? ? O B HOH 47 ? ? 2.16 
19 1 "C4'" D DC  9  ? ? O D HOH 16 ? ? 2.17 
# 
loop_
_pdbx_validate_symm_contact.id 
_pdbx_validate_symm_contact.PDB_model_num 
_pdbx_validate_symm_contact.auth_atom_id_1 
_pdbx_validate_symm_contact.auth_asym_id_1 
_pdbx_validate_symm_contact.auth_comp_id_1 
_pdbx_validate_symm_contact.auth_seq_id_1 
_pdbx_validate_symm_contact.PDB_ins_code_1 
_pdbx_validate_symm_contact.label_alt_id_1 
_pdbx_validate_symm_contact.site_symmetry_1 
_pdbx_validate_symm_contact.auth_atom_id_2 
_pdbx_validate_symm_contact.auth_asym_id_2 
_pdbx_validate_symm_contact.auth_comp_id_2 
_pdbx_validate_symm_contact.auth_seq_id_2 
_pdbx_validate_symm_contact.PDB_ins_code_2 
_pdbx_validate_symm_contact.label_alt_id_2 
_pdbx_validate_symm_contact.site_symmetry_2 
_pdbx_validate_symm_contact.dist 
1  1 "O5'" D DC  9  ? ? 1_555 O D HOH 77 ? ? 3_665 0.95 
2  1 "C5'" D DC  9  ? ? 1_555 O D HOH 77 ? ? 3_665 1.08 
3  1 "O3'" C DG  8  ? ? 1_555 O C HOH 66 ? ? 3_665 1.72 
4  1 O     A HOH 61 ? ? 1_555 O D HOH 40 ? ? 5_455 1.87 
5  1 O     C HOH 39 ? ? 1_555 O D HOH 50 ? ? 6_654 1.91 
6  1 O     A HOH 27 ? ? 1_555 O D HOH 79 ? ? 5_455 1.95 
7  1 O     A HOH 75 ? ? 1_555 O B HOH 64 ? ? 2_554 1.96 
8  1 O     D HOH 62 ? ? 1_555 O D HOH 81 ? ? 5_555 2.00 
9  1 O     A HOH 67 ? ? 1_555 O B HOH 76 ? ? 2_554 2.13 
10 1 O     D HOH 13 ? ? 1_555 O D HOH 58 ? ? 3_665 2.15 
11 1 O     B HOH 76 ? ? 1_555 O C HOH 53 ? ? 1_455 2.16 
12 1 N7    D DG  12 ? ? 1_555 O D HOH 57 ? ? 2_654 2.18 
# 
loop_
_pdbx_validate_rmsd_bond.id 
_pdbx_validate_rmsd_bond.PDB_model_num 
_pdbx_validate_rmsd_bond.auth_atom_id_1 
_pdbx_validate_rmsd_bond.auth_asym_id_1 
_pdbx_validate_rmsd_bond.auth_comp_id_1 
_pdbx_validate_rmsd_bond.auth_seq_id_1 
_pdbx_validate_rmsd_bond.PDB_ins_code_1 
_pdbx_validate_rmsd_bond.label_alt_id_1 
_pdbx_validate_rmsd_bond.auth_atom_id_2 
_pdbx_validate_rmsd_bond.auth_asym_id_2 
_pdbx_validate_rmsd_bond.auth_comp_id_2 
_pdbx_validate_rmsd_bond.auth_seq_id_2 
_pdbx_validate_rmsd_bond.PDB_ins_code_2 
_pdbx_validate_rmsd_bond.label_alt_id_2 
_pdbx_validate_rmsd_bond.bond_value 
_pdbx_validate_rmsd_bond.bond_target_value 
_pdbx_validate_rmsd_bond.bond_deviation 
_pdbx_validate_rmsd_bond.bond_standard_deviation 
_pdbx_validate_rmsd_bond.linker_flag 
1  1 N1    A DC 1  ? ? C6    A DC 1  ? ? 1.325 1.367 -0.042 0.006 N 
2  1 P     A DG 2  ? ? OP2   A DG 2  ? ? 1.357 1.485 -0.128 0.017 N 
3  1 "O4'" A DG 2  ? ? "C4'" A DG 2  ? ? 1.379 1.446 -0.067 0.010 N 
4  1 N3    B DC 3  ? ? C4    B DC 3  ? ? 1.385 1.335 0.050  0.007 N 
5  1 P     B DG 4  ? ? OP1   B DG 4  ? ? 1.682 1.485 0.197  0.017 N 
6  1 P     B DG 4  ? ? "O5'" B DG 4  ? ? 1.735 1.593 0.142  0.010 N 
7  1 "O3'" B DG 4  ? ? "C3'" B DG 4  ? ? 1.374 1.419 -0.045 0.006 N 
8  1 N3    C DC 5  ? ? C4    C DC 5  ? ? 1.391 1.335 0.056  0.007 N 
9  1 P     C DG 6  ? ? "O5'" C DG 6  ? ? 1.467 1.593 -0.126 0.010 N 
10 1 N1    C DG 6  ? ? C2    C DG 6  ? ? 1.313 1.373 -0.060 0.008 N 
11 1 C4    C DG 6  ? ? C5    C DG 6  ? ? 1.334 1.379 -0.045 0.007 N 
12 1 N7    C DG 6  ? ? C8    C DG 6  ? ? 1.262 1.305 -0.043 0.006 N 
13 1 "O3'" C DC 7  ? ? P     C DG 8  ? ? 1.517 1.607 -0.090 0.012 Y 
14 1 P     C DG 8  ? ? OP1   C DG 8  ? ? 1.588 1.485 0.103  0.017 N 
15 1 N1    C DG 8  ? ? C2    C DG 8  ? ? 1.319 1.373 -0.054 0.008 N 
16 1 C2    C DG 8  ? ? N3    C DG 8  ? ? 1.413 1.323 0.090  0.008 N 
17 1 C8    C DG 8  ? ? N9    C DG 8  ? ? 1.332 1.374 -0.042 0.007 N 
18 1 "O4'" D DC 9  ? ? "C4'" D DC 9  ? ? 1.386 1.446 -0.060 0.010 N 
19 1 "C2'" D DG 10 ? ? "C1'" D DG 10 ? ? 1.447 1.518 -0.071 0.010 N 
20 1 C8    D DG 10 ? ? N9    D DG 10 ? ? 1.319 1.374 -0.055 0.007 N 
21 1 "O3'" D DG 10 ? ? P     D DC 11 ? ? 1.706 1.607 0.099  0.012 Y 
22 1 P     D DC 11 ? ? OP1   D DC 11 ? ? 1.364 1.485 -0.121 0.017 N 
23 1 P     D DC 11 ? ? "O5'" D DC 11 ? ? 1.763 1.593 0.170  0.010 N 
24 1 C4    D DC 11 ? ? C5    D DC 11 ? ? 1.366 1.425 -0.059 0.008 N 
25 1 "O4'" D DG 12 ? ? "C1'" D DG 12 ? ? 1.489 1.420 0.069  0.011 N 
26 1 C8    D DG 12 ? ? N9    D DG 12 ? ? 1.292 1.374 -0.082 0.007 N 
# 
loop_
_pdbx_validate_rmsd_angle.id 
_pdbx_validate_rmsd_angle.PDB_model_num 
_pdbx_validate_rmsd_angle.auth_atom_id_1 
_pdbx_validate_rmsd_angle.auth_asym_id_1 
_pdbx_validate_rmsd_angle.auth_comp_id_1 
_pdbx_validate_rmsd_angle.auth_seq_id_1 
_pdbx_validate_rmsd_angle.PDB_ins_code_1 
_pdbx_validate_rmsd_angle.label_alt_id_1 
_pdbx_validate_rmsd_angle.auth_atom_id_2 
_pdbx_validate_rmsd_angle.auth_asym_id_2 
_pdbx_validate_rmsd_angle.auth_comp_id_2 
_pdbx_validate_rmsd_angle.auth_seq_id_2 
_pdbx_validate_rmsd_angle.PDB_ins_code_2 
_pdbx_validate_rmsd_angle.label_alt_id_2 
_pdbx_validate_rmsd_angle.auth_atom_id_3 
_pdbx_validate_rmsd_angle.auth_asym_id_3 
_pdbx_validate_rmsd_angle.auth_comp_id_3 
_pdbx_validate_rmsd_angle.auth_seq_id_3 
_pdbx_validate_rmsd_angle.PDB_ins_code_3 
_pdbx_validate_rmsd_angle.label_alt_id_3 
_pdbx_validate_rmsd_angle.angle_value 
_pdbx_validate_rmsd_angle.angle_target_value 
_pdbx_validate_rmsd_angle.angle_deviation 
_pdbx_validate_rmsd_angle.angle_standard_deviation 
_pdbx_validate_rmsd_angle.linker_flag 
1   1 "O5'" A DC 1  ? ? "C5'" A DC 1  ? ? "C4'" A DC 1  ? ? 101.08 109.40 -8.32  0.80 N 
2   1 "O4'" A DC 1  ? ? "C4'" A DC 1  ? ? "C3'" A DC 1  ? ? 109.84 106.00 3.84   0.60 N 
3   1 "C1'" A DC 1  ? ? "O4'" A DC 1  ? ? "C4'" A DC 1  ? ? 98.50  110.10 -11.60 1.00 N 
4   1 "C3'" A DC 1  ? ? "C2'" A DC 1  ? ? "C1'" A DC 1  ? ? 89.15  102.40 -13.25 0.80 N 
5   1 C6    A DC 1  ? ? N1    A DC 1  ? ? C2    A DC 1  ? ? 125.50 120.30 5.20   0.40 N 
6   1 N1    A DC 1  ? ? C2    A DC 1  ? ? N3    A DC 1  ? ? 110.88 119.20 -8.32  0.70 N 
7   1 C2    A DC 1  ? ? N3    A DC 1  ? ? C4    A DC 1  ? ? 125.66 119.90 5.76   0.50 N 
8   1 C4    A DC 1  ? ? C5    A DC 1  ? ? C6    A DC 1  ? ? 113.39 117.40 -4.01  0.50 N 
9   1 C5    A DC 1  ? ? C6    A DC 1  ? ? N1    A DC 1  ? ? 124.11 121.00 3.11   0.50 N 
10  1 N1    A DC 1  ? ? C2    A DC 1  ? ? O2    A DC 1  ? ? 126.64 118.90 7.74   0.60 N 
11  1 "C3'" A DC 1  ? ? "O3'" A DC 1  ? ? P     A DG 2  ? ? 103.72 119.70 -15.98 1.20 Y 
12  1 "O5'" A DG 2  ? ? P     A DG 2  ? ? OP1   A DG 2  ? ? 83.97  105.70 -21.73 0.90 N 
13  1 "O5'" A DG 2  ? ? P     A DG 2  ? ? OP2   A DG 2  ? ? 137.67 110.70 26.97  1.20 N 
14  1 P     A DG 2  ? ? "O5'" A DG 2  ? ? "C5'" A DG 2  ? ? 108.85 120.90 -12.05 1.60 N 
15  1 "O4'" A DG 2  ? ? "C4'" A DG 2  ? ? "C3'" A DG 2  ? ? 95.64  104.50 -8.86  0.40 N 
16  1 N7    A DG 2  ? ? C8    A DG 2  ? ? N9    A DG 2  ? ? 116.43 113.10 3.33   0.50 N 
17  1 C2    B DC 3  ? ? N3    B DC 3  ? ? C4    B DC 3  ? ? 115.08 119.90 -4.82  0.50 N 
18  1 "C3'" B DC 3  ? ? "O3'" B DC 3  ? ? P     B DG 4  ? ? 152.28 119.70 32.58  1.20 Y 
19  1 "O3'" B DC 3  ? ? P     B DG 4  ? ? OP2   B DG 4  ? ? 126.30 110.50 15.80  1.10 Y 
20  1 OP1   B DG 4  ? ? P     B DG 4  ? ? OP2   B DG 4  ? ? 105.18 119.60 -14.42 1.50 N 
21  1 "O5'" B DG 4  ? ? P     B DG 4  ? ? OP1   B DG 4  ? ? 94.52  105.70 -11.18 0.90 N 
22  1 "O4'" B DG 4  ? ? "C4'" B DG 4  ? ? "C3'" B DG 4  ? ? 101.43 104.50 -3.07  0.40 N 
23  1 C6    B DG 4  ? ? N1    B DG 4  ? ? C2    B DG 4  ? ? 120.67 125.10 -4.43  0.60 N 
24  1 C2    B DG 4  ? ? N3    B DG 4  ? ? C4    B DG 4  ? ? 116.46 111.90 4.56   0.50 N 
25  1 N3    B DG 4  ? ? C4    B DG 4  ? ? C5    B DG 4  ? ? 125.20 128.60 -3.40  0.50 N 
26  1 C5    B DG 4  ? ? C6    B DG 4  ? ? N1    B DG 4  ? ? 116.36 111.50 4.86   0.50 N 
27  1 N3    B DG 4  ? ? C4    B DG 4  ? ? N9    B DG 4  ? ? 130.68 126.00 4.68   0.60 N 
28  1 N3    B DG 4  ? ? C2    B DG 4  ? ? N2    B DG 4  ? ? 124.22 119.90 4.32   0.70 N 
29  1 C5    B DG 4  ? ? C6    B DG 4  ? ? O6    B DG 4  ? ? 120.72 128.60 -7.88  0.60 N 
30  1 C4    B DG 4  ? ? N9    B DG 4  ? ? "C1'" B DG 4  ? ? 118.62 126.50 -7.88  1.30 N 
31  1 "C4'" C DC 5  ? ? "C3'" C DC 5  ? ? "C2'" C DC 5  ? ? 94.40  102.20 -7.80  0.70 N 
32  1 "O4'" C DC 5  ? ? "C1'" C DC 5  ? ? N1    C DC 5  ? ? 113.58 108.30 5.28   0.30 N 
33  1 C6    C DC 5  ? ? N1    C DC 5  ? ? C2    C DC 5  ? ? 116.91 120.30 -3.39  0.40 N 
34  1 C2    C DC 5  ? ? N3    C DC 5  ? ? C4    C DC 5  ? ? 123.97 119.90 4.07   0.50 N 
35  1 N3    C DC 5  ? ? C4    C DC 5  ? ? C5    C DC 5  ? ? 114.37 121.90 -7.53  0.40 N 
36  1 C4    C DC 5  ? ? C5    C DC 5  ? ? C6    C DC 5  ? ? 122.64 117.40 5.24   0.50 N 
37  1 N1    C DC 5  ? ? C2    C DC 5  ? ? O2    C DC 5  ? ? 115.03 118.90 -3.87  0.60 N 
38  1 N3    C DC 5  ? ? C2    C DC 5  ? ? O2    C DC 5  ? ? 126.64 121.90 4.74   0.70 N 
39  1 C5    C DC 5  ? ? C4    C DC 5  ? ? N4    C DC 5  ? ? 127.39 120.20 7.19   0.70 N 
40  1 C6    C DC 5  ? ? N1    C DC 5  ? ? "C1'" C DC 5  ? ? 132.53 120.80 11.73  1.20 N 
41  1 C2    C DC 5  ? ? N1    C DC 5  ? ? "C1'" C DC 5  ? ? 110.31 118.80 -8.49  1.10 N 
42  1 "C3'" C DC 5  ? ? "O3'" C DC 5  ? ? P     C DG 6  ? ? 133.52 119.70 13.82  1.20 Y 
43  1 "O3'" C DC 5  ? ? P     C DG 6  ? ? "O5'" C DG 6  ? ? 118.56 104.00 14.56  1.90 Y 
44  1 OP1   C DG 6  ? ? P     C DG 6  ? ? OP2   C DG 6  ? ? 108.47 119.60 -11.13 1.50 N 
45  1 "O5'" C DG 6  ? ? P     C DG 6  ? ? OP1   C DG 6  ? ? 94.76  105.70 -10.94 0.90 N 
46  1 "O5'" C DG 6  ? ? P     C DG 6  ? ? OP2   C DG 6  ? ? 126.81 110.70 16.11  1.20 N 
47  1 "O5'" C DG 6  ? ? "C5'" C DG 6  ? ? "C4'" C DG 6  ? ? 127.89 111.00 16.89  2.50 N 
48  1 "C1'" C DG 6  ? ? "O4'" C DG 6  ? ? "C4'" C DG 6  ? ? 116.06 110.30 5.76   0.70 N 
49  1 N3    C DG 6  ? ? C4    C DG 6  ? ? C5    C DG 6  ? ? 124.52 128.60 -4.08  0.50 N 
50  1 C4    C DG 6  ? ? C5    C DG 6  ? ? N7    C DG 6  ? ? 105.86 110.80 -4.94  0.40 N 
51  1 C5    C DG 6  ? ? N7    C DG 6  ? ? C8    C DG 6  ? ? 107.30 104.30 3.00   0.50 N 
52  1 C8    C DG 6  ? ? N9    C DG 6  ? ? C4    C DG 6  ? ? 101.72 106.40 -4.68  0.40 N 
53  1 N9    C DG 6  ? ? C4    C DG 6  ? ? C5    C DG 6  ? ? 108.74 105.40 3.34   0.40 N 
54  1 N1    C DG 6  ? ? C2    C DG 6  ? ? N2    C DG 6  ? ? 124.08 116.20 7.88   0.90 N 
55  1 N3    C DG 6  ? ? C2    C DG 6  ? ? N2    C DG 6  ? ? 108.52 119.90 -11.38 0.70 N 
56  1 C8    C DG 6  ? ? N9    C DG 6  ? ? "C1'" C DG 6  ? ? 136.61 127.00 9.61   1.30 N 
57  1 "C3'" C DG 6  ? ? "O3'" C DG 6  ? ? P     C DC 7  ? ? 127.93 119.70 8.23   1.20 Y 
58  1 "O3'" C DG 6  ? ? P     C DC 7  ? ? "O5'" C DC 7  ? ? 115.75 104.00 11.75  1.90 Y 
59  1 "O3'" C DG 6  ? ? P     C DC 7  ? ? OP2   C DC 7  ? ? 83.13  105.20 -22.07 2.20 Y 
60  1 "O5'" C DC 7  ? ? P     C DC 7  ? ? OP1   C DC 7  ? ? 122.11 110.70 11.41  1.20 N 
61  1 "O5'" C DC 7  ? ? "C5'" C DC 7  ? ? "C4'" C DC 7  ? ? 127.37 111.00 16.37  2.50 N 
62  1 P     C DC 7  ? ? "O5'" C DC 7  ? ? "C5'" C DC 7  ? ? 103.60 120.90 -17.30 1.60 N 
63  1 "C1'" C DC 7  ? ? "O4'" C DC 7  ? ? "C4'" C DC 7  ? ? 117.23 110.30 6.93   0.70 N 
64  1 "C4'" C DC 7  ? ? "C3'" C DC 7  ? ? "C2'" C DC 7  ? ? 97.14  102.20 -5.06  0.70 N 
65  1 "O4'" C DC 7  ? ? "C1'" C DC 7  ? ? "C2'" C DC 7  ? ? 96.83  105.90 -9.07  0.80 N 
66  1 "O4'" C DC 7  ? ? "C1'" C DC 7  ? ? N1    C DC 7  ? ? 120.47 108.30 12.17  0.30 N 
67  1 N1    C DC 7  ? ? C2    C DC 7  ? ? N3    C DC 7  ? ? 113.22 119.20 -5.98  0.70 N 
68  1 C2    C DC 7  ? ? N3    C DC 7  ? ? C4    C DC 7  ? ? 123.52 119.90 3.62   0.50 N 
69  1 N3    C DC 7  ? ? C4    C DC 7  ? ? C5    C DC 7  ? ? 124.78 121.90 2.88   0.40 N 
70  1 C4    C DC 7  ? ? C5    C DC 7  ? ? C6    C DC 7  ? ? 109.51 117.40 -7.89  0.50 N 
71  1 C5    C DC 7  ? ? C6    C DC 7  ? ? N1    C DC 7  ? ? 126.31 121.00 5.31   0.50 N 
72  1 N3    C DC 7  ? ? C2    C DC 7  ? ? O2    C DC 7  ? ? 128.37 121.90 6.47   0.70 N 
73  1 N3    C DC 7  ? ? C4    C DC 7  ? ? N4    C DC 7  ? ? 113.47 118.00 -4.53  0.70 N 
74  1 "C3'" C DC 7  ? ? "O3'" C DC 7  ? ? P     C DG 8  ? ? 138.27 119.70 18.57  1.20 Y 
75  1 "O3'" C DC 7  ? ? P     C DG 8  ? ? "O5'" C DG 8  ? ? 130.27 104.00 26.27  1.90 Y 
76  1 OP1   C DG 8  ? ? P     C DG 8  ? ? OP2   C DG 8  ? ? 105.96 119.60 -13.64 1.50 N 
77  1 "O5'" C DG 8  ? ? P     C DG 8  ? ? OP1   C DG 8  ? ? 85.31  105.70 -20.39 0.90 N 
78  1 "O5'" C DG 8  ? ? "C5'" C DG 8  ? ? "C4'" C DG 8  ? ? 128.20 111.00 17.20  2.50 N 
79  1 "C5'" C DG 8  ? ? "C4'" C DG 8  ? ? "C3'" C DG 8  ? ? 123.02 115.70 7.32   1.20 N 
80  1 "O4'" C DG 8  ? ? "C1'" C DG 8  ? ? N9    C DG 8  ? ? 102.04 108.00 -5.96  0.70 N 
81  1 N3    C DG 8  ? ? C4    C DG 8  ? ? C5    C DG 8  ? ? 124.31 128.60 -4.29  0.50 N 
82  1 N1    C DG 8  ? ? C2    C DG 8  ? ? N2    C DG 8  ? ? 124.64 116.20 8.44   0.90 N 
83  1 N3    C DG 8  ? ? C2    C DG 8  ? ? N2    C DG 8  ? ? 111.63 119.90 -8.27  0.70 N 
84  1 C5    C DG 8  ? ? C6    C DG 8  ? ? O6    C DG 8  ? ? 124.10 128.60 -4.50  0.60 N 
85  1 "O4'" D DC 9  ? ? "C1'" D DC 9  ? ? "C2'" D DC 9  ? ? 97.39  105.90 -8.51  0.80 N 
86  1 N3    D DC 9  ? ? C4    D DC 9  ? ? C5    D DC 9  ? ? 118.18 121.90 -3.72  0.40 N 
87  1 C4    D DC 9  ? ? C5    D DC 9  ? ? C6    D DC 9  ? ? 126.61 117.40 9.21   0.50 N 
88  1 C5    D DC 9  ? ? C6    D DC 9  ? ? N1    D DC 9  ? ? 114.57 121.00 -6.43  0.50 N 
89  1 N1    D DC 9  ? ? C2    D DC 9  ? ? O2    D DC 9  ? ? 127.55 118.90 8.65   0.60 N 
90  1 N3    D DC 9  ? ? C2    D DC 9  ? ? O2    D DC 9  ? ? 109.49 121.90 -12.41 0.70 N 
91  1 C5    D DC 9  ? ? C4    D DC 9  ? ? N4    D DC 9  ? ? 125.52 120.20 5.32   0.70 N 
92  1 "O5'" D DG 10 ? ? P     D DG 10 ? ? OP2   D DG 10 ? ? 118.54 110.70 7.84   1.20 N 
93  1 "O4'" D DG 10 ? ? "C1'" D DG 10 ? ? N9    D DG 10 ? ? 103.59 108.00 -4.41  0.70 N 
94  1 C5    D DG 10 ? ? N7    D DG 10 ? ? C8    D DG 10 ? ? 98.50  104.30 -5.80  0.50 N 
95  1 N7    D DG 10 ? ? C8    D DG 10 ? ? N9    D DG 10 ? ? 121.35 113.10 8.25   0.50 N 
96  1 C8    D DG 10 ? ? N9    D DG 10 ? ? C4    D DG 10 ? ? 102.31 106.40 -4.09  0.40 N 
97  1 N1    D DG 10 ? ? C2    D DG 10 ? ? N2    D DG 10 ? ? 122.64 116.20 6.44   0.90 N 
98  1 N3    D DG 10 ? ? C2    D DG 10 ? ? N2    D DG 10 ? ? 113.81 119.90 -6.09  0.70 N 
99  1 C8    D DG 10 ? ? N9    D DG 10 ? ? "C1'" D DG 10 ? ? 136.08 127.00 9.08   1.30 N 
100 1 "C3'" D DG 10 ? ? "O3'" D DG 10 ? ? P     D DC 11 ? ? 109.85 119.70 -9.85  1.20 Y 
101 1 OP1   D DC 11 ? ? P     D DC 11 ? ? OP2   D DC 11 ? ? 135.59 119.60 15.99  1.50 N 
102 1 "O5'" D DC 11 ? ? P     D DC 11 ? ? OP1   D DC 11 ? ? 99.35  105.70 -6.35  0.90 N 
103 1 P     D DC 11 ? ? "O5'" D DC 11 ? ? "C5'" D DC 11 ? ? 103.86 120.90 -17.04 1.60 N 
104 1 "C1'" D DC 11 ? ? "O4'" D DC 11 ? ? "C4'" D DC 11 ? ? 115.21 110.30 4.91   0.70 N 
105 1 "O4'" D DC 11 ? ? "C1'" D DC 11 ? ? "C2'" D DC 11 ? ? 97.90  105.90 -8.00  0.80 N 
106 1 "O4'" D DC 11 ? ? "C1'" D DC 11 ? ? N1    D DC 11 ? ? 115.72 108.30 7.42   0.30 N 
107 1 N1    D DC 11 ? ? C2    D DC 11 ? ? O2    D DC 11 ? ? 129.59 118.90 10.69  0.60 N 
108 1 N3    D DC 11 ? ? C2    D DC 11 ? ? O2    D DC 11 ? ? 113.21 121.90 -8.69  0.70 N 
109 1 "C3'" D DC 11 ? ? "O3'" D DC 11 ? ? P     D DG 12 ? ? 135.89 119.70 16.19  1.20 Y 
110 1 "O5'" D DG 12 ? ? P     D DG 12 ? ? OP2   D DG 12 ? ? 130.52 110.70 19.82  1.20 N 
111 1 "O4'" D DG 12 ? ? "C1'" D DG 12 ? ? N9    D DG 12 ? ? 101.42 108.00 -6.58  0.70 N 
112 1 C6    D DG 12 ? ? N1    D DG 12 ? ? C2    D DG 12 ? ? 120.55 125.10 -4.55  0.60 N 
113 1 C5    D DG 12 ? ? C6    D DG 12 ? ? N1    D DG 12 ? ? 116.21 111.50 4.71   0.50 N 
114 1 N9    D DG 12 ? ? C4    D DG 12 ? ? C5    D DG 12 ? ? 102.72 105.40 -2.68  0.40 N 
115 1 C8    D DG 12 ? ? N9    D DG 12 ? ? "C1'" D DG 12 ? ? 136.26 127.00 9.26   1.30 N 
116 1 C4    D DG 12 ? ? N9    D DG 12 ? ? "C1'" D DG 12 ? ? 116.35 126.50 -10.15 1.30 N 
# 
loop_
_refine_B_iso.class 
_refine_B_iso.details 
_refine_B_iso.treatment 
_refine_B_iso.pdbx_refine_id 
'ALL ATOMS'  TR isotropic 'X-RAY DIFFRACTION' 
'ALL WATERS' TR isotropic 'X-RAY DIFFRACTION' 
# 
loop_
_refine_occupancy.class 
_refine_occupancy.treatment 
_refine_occupancy.pdbx_refine_id 
'ALL ATOMS'  fix 'X-RAY DIFFRACTION' 
'ALL WATERS' fix 'X-RAY DIFFRACTION' 
# 
loop_
_chem_comp_atom.comp_id 
_chem_comp_atom.atom_id 
_chem_comp_atom.type_symbol 
_chem_comp_atom.pdbx_aromatic_flag 
_chem_comp_atom.pdbx_stereo_config 
_chem_comp_atom.pdbx_ordinal 
DC  OP3    O N N 1  
DC  P      P N N 2  
DC  OP1    O N N 3  
DC  OP2    O N N 4  
DC  "O5'"  O N N 5  
DC  "C5'"  C N N 6  
DC  "C4'"  C N R 7  
DC  "O4'"  O N N 8  
DC  "C3'"  C N S 9  
DC  "O3'"  O N N 10 
DC  "C2'"  C N N 11 
DC  "C1'"  C N R 12 
DC  N1     N N N 13 
DC  C2     C N N 14 
DC  O2     O N N 15 
DC  N3     N N N 16 
DC  C4     C N N 17 
DC  N4     N N N 18 
DC  C5     C N N 19 
DC  C6     C N N 20 
DC  HOP3   H N N 21 
DC  HOP2   H N N 22 
DC  "H5'"  H N N 23 
DC  "H5''" H N N 24 
DC  "H4'"  H N N 25 
DC  "H3'"  H N N 26 
DC  "HO3'" H N N 27 
DC  "H2'"  H N N 28 
DC  "H2''" H N N 29 
DC  "H1'"  H N N 30 
DC  H41    H N N 31 
DC  H42    H N N 32 
DC  H5     H N N 33 
DC  H6     H N N 34 
DG  OP3    O N N 35 
DG  P      P N N 36 
DG  OP1    O N N 37 
DG  OP2    O N N 38 
DG  "O5'"  O N N 39 
DG  "C5'"  C N N 40 
DG  "C4'"  C N R 41 
DG  "O4'"  O N N 42 
DG  "C3'"  C N S 43 
DG  "O3'"  O N N 44 
DG  "C2'"  C N N 45 
DG  "C1'"  C N R 46 
DG  N9     N Y N 47 
DG  C8     C Y N 48 
DG  N7     N Y N 49 
DG  C5     C Y N 50 
DG  C6     C N N 51 
DG  O6     O N N 52 
DG  N1     N N N 53 
DG  C2     C N N 54 
DG  N2     N N N 55 
DG  N3     N N N 56 
DG  C4     C Y N 57 
DG  HOP3   H N N 58 
DG  HOP2   H N N 59 
DG  "H5'"  H N N 60 
DG  "H5''" H N N 61 
DG  "H4'"  H N N 62 
DG  "H3'"  H N N 63 
DG  "HO3'" H N N 64 
DG  "H2'"  H N N 65 
DG  "H2''" H N N 66 
DG  "H1'"  H N N 67 
DG  H8     H N N 68 
DG  H1     H N N 69 
DG  H21    H N N 70 
DG  H22    H N N 71 
HOH O      O N N 72 
HOH H1     H N N 73 
HOH H2     H N N 74 
# 
loop_
_chem_comp_bond.comp_id 
_chem_comp_bond.atom_id_1 
_chem_comp_bond.atom_id_2 
_chem_comp_bond.value_order 
_chem_comp_bond.pdbx_aromatic_flag 
_chem_comp_bond.pdbx_stereo_config 
_chem_comp_bond.pdbx_ordinal 
DC  OP3   P      sing N N 1  
DC  OP3   HOP3   sing N N 2  
DC  P     OP1    doub N N 3  
DC  P     OP2    sing N N 4  
DC  P     "O5'"  sing N N 5  
DC  OP2   HOP2   sing N N 6  
DC  "O5'" "C5'"  sing N N 7  
DC  "C5'" "C4'"  sing N N 8  
DC  "C5'" "H5'"  sing N N 9  
DC  "C5'" "H5''" sing N N 10 
DC  "C4'" "O4'"  sing N N 11 
DC  "C4'" "C3'"  sing N N 12 
DC  "C4'" "H4'"  sing N N 13 
DC  "O4'" "C1'"  sing N N 14 
DC  "C3'" "O3'"  sing N N 15 
DC  "C3'" "C2'"  sing N N 16 
DC  "C3'" "H3'"  sing N N 17 
DC  "O3'" "HO3'" sing N N 18 
DC  "C2'" "C1'"  sing N N 19 
DC  "C2'" "H2'"  sing N N 20 
DC  "C2'" "H2''" sing N N 21 
DC  "C1'" N1     sing N N 22 
DC  "C1'" "H1'"  sing N N 23 
DC  N1    C2     sing N N 24 
DC  N1    C6     sing N N 25 
DC  C2    O2     doub N N 26 
DC  C2    N3     sing N N 27 
DC  N3    C4     doub N N 28 
DC  C4    N4     sing N N 29 
DC  C4    C5     sing N N 30 
DC  N4    H41    sing N N 31 
DC  N4    H42    sing N N 32 
DC  C5    C6     doub N N 33 
DC  C5    H5     sing N N 34 
DC  C6    H6     sing N N 35 
DG  OP3   P      sing N N 36 
DG  OP3   HOP3   sing N N 37 
DG  P     OP1    doub N N 38 
DG  P     OP2    sing N N 39 
DG  P     "O5'"  sing N N 40 
DG  OP2   HOP2   sing N N 41 
DG  "O5'" "C5'"  sing N N 42 
DG  "C5'" "C4'"  sing N N 43 
DG  "C5'" "H5'"  sing N N 44 
DG  "C5'" "H5''" sing N N 45 
DG  "C4'" "O4'"  sing N N 46 
DG  "C4'" "C3'"  sing N N 47 
DG  "C4'" "H4'"  sing N N 48 
DG  "O4'" "C1'"  sing N N 49 
DG  "C3'" "O3'"  sing N N 50 
DG  "C3'" "C2'"  sing N N 51 
DG  "C3'" "H3'"  sing N N 52 
DG  "O3'" "HO3'" sing N N 53 
DG  "C2'" "C1'"  sing N N 54 
DG  "C2'" "H2'"  sing N N 55 
DG  "C2'" "H2''" sing N N 56 
DG  "C1'" N9     sing N N 57 
DG  "C1'" "H1'"  sing N N 58 
DG  N9    C8     sing Y N 59 
DG  N9    C4     sing Y N 60 
DG  C8    N7     doub Y N 61 
DG  C8    H8     sing N N 62 
DG  N7    C5     sing Y N 63 
DG  C5    C6     sing N N 64 
DG  C5    C4     doub Y N 65 
DG  C6    O6     doub N N 66 
DG  C6    N1     sing N N 67 
DG  N1    C2     sing N N 68 
DG  N1    H1     sing N N 69 
DG  C2    N2     sing N N 70 
DG  C2    N3     doub N N 71 
DG  N2    H21    sing N N 72 
DG  N2    H22    sing N N 73 
DG  N3    C4     sing N N 74 
HOH O     H1     sing N N 75 
HOH O     H2     sing N N 76 
# 
_ndb_struct_conf_na.entry_id   1D53 
_ndb_struct_conf_na.feature    'z-form double helix' 
# 
loop_
_ndb_struct_na_base_pair.model_number 
_ndb_struct_na_base_pair.i_label_asym_id 
_ndb_struct_na_base_pair.i_label_comp_id 
_ndb_struct_na_base_pair.i_label_seq_id 
_ndb_struct_na_base_pair.i_symmetry 
_ndb_struct_na_base_pair.j_label_asym_id 
_ndb_struct_na_base_pair.j_label_comp_id 
_ndb_struct_na_base_pair.j_label_seq_id 
_ndb_struct_na_base_pair.j_symmetry 
_ndb_struct_na_base_pair.shear 
_ndb_struct_na_base_pair.stretch 
_ndb_struct_na_base_pair.stagger 
_ndb_struct_na_base_pair.buckle 
_ndb_struct_na_base_pair.propeller 
_ndb_struct_na_base_pair.opening 
_ndb_struct_na_base_pair.pair_number 
_ndb_struct_na_base_pair.pair_name 
_ndb_struct_na_base_pair.i_auth_asym_id 
_ndb_struct_na_base_pair.i_auth_seq_id 
_ndb_struct_na_base_pair.i_PDB_ins_code 
_ndb_struct_na_base_pair.j_auth_asym_id 
_ndb_struct_na_base_pair.j_auth_seq_id 
_ndb_struct_na_base_pair.j_PDB_ins_code 
_ndb_struct_na_base_pair.hbond_type_28 
_ndb_struct_na_base_pair.hbond_type_12 
1 A DC 1 1_555 B DG 2 1_555 -0.148 -0.401 0.795  5.326  2.909  11.023 1 A_DC1:DG4_B  A 1 ? B 4  ? 19 1 
1 A DG 2 1_555 B DC 1 1_555 0.125  -0.220 0.371  -8.267 10.522 5.908  2 A_DG2:DC3_B  A 2 ? B 3  ? 19 1 
1 C DC 1 1_555 D DG 4 1_555 -0.312 -0.115 -0.117 9.611  0.103  3.518  3 C_DC5:DG12_D C 5 ? D 12 ? 19 1 
1 C DG 2 1_555 D DC 3 1_555 0.274  -0.118 -0.035 -9.134 2.049  0.698  4 C_DG6:DC11_D C 6 ? D 11 ? 19 1 
1 C DC 3 1_555 D DG 2 1_555 -0.315 -0.194 -0.463 11.427 2.176  2.084  5 C_DC7:DG10_D C 7 ? D 10 ? 19 1 
1 C DG 4 1_555 D DC 1 1_555 0.176  -0.105 0.251  -4.553 -1.668 1.958  6 C_DG8:DC9_D  C 8 ? D 9  ? 19 1 
# 
loop_
_ndb_struct_na_base_pair_step.model_number 
_ndb_struct_na_base_pair_step.i_label_asym_id_1 
_ndb_struct_na_base_pair_step.i_label_comp_id_1 
_ndb_struct_na_base_pair_step.i_label_seq_id_1 
_ndb_struct_na_base_pair_step.i_symmetry_1 
_ndb_struct_na_base_pair_step.j_label_asym_id_1 
_ndb_struct_na_base_pair_step.j_label_comp_id_1 
_ndb_struct_na_base_pair_step.j_label_seq_id_1 
_ndb_struct_na_base_pair_step.j_symmetry_1 
_ndb_struct_na_base_pair_step.i_label_asym_id_2 
_ndb_struct_na_base_pair_step.i_label_comp_id_2 
_ndb_struct_na_base_pair_step.i_label_seq_id_2 
_ndb_struct_na_base_pair_step.i_symmetry_2 
_ndb_struct_na_base_pair_step.j_label_asym_id_2 
_ndb_struct_na_base_pair_step.j_label_comp_id_2 
_ndb_struct_na_base_pair_step.j_label_seq_id_2 
_ndb_struct_na_base_pair_step.j_symmetry_2 
_ndb_struct_na_base_pair_step.shift 
_ndb_struct_na_base_pair_step.slide 
_ndb_struct_na_base_pair_step.rise 
_ndb_struct_na_base_pair_step.tilt 
_ndb_struct_na_base_pair_step.roll 
_ndb_struct_na_base_pair_step.twist 
_ndb_struct_na_base_pair_step.x_displacement 
_ndb_struct_na_base_pair_step.y_displacement 
_ndb_struct_na_base_pair_step.helical_rise 
_ndb_struct_na_base_pair_step.inclination 
_ndb_struct_na_base_pair_step.tip 
_ndb_struct_na_base_pair_step.helical_twist 
_ndb_struct_na_base_pair_step.step_number 
_ndb_struct_na_base_pair_step.step_name 
_ndb_struct_na_base_pair_step.i_auth_asym_id_1 
_ndb_struct_na_base_pair_step.i_auth_seq_id_1 
_ndb_struct_na_base_pair_step.i_PDB_ins_code_1 
_ndb_struct_na_base_pair_step.j_auth_asym_id_1 
_ndb_struct_na_base_pair_step.j_auth_seq_id_1 
_ndb_struct_na_base_pair_step.j_PDB_ins_code_1 
_ndb_struct_na_base_pair_step.i_auth_asym_id_2 
_ndb_struct_na_base_pair_step.i_auth_seq_id_2 
_ndb_struct_na_base_pair_step.i_PDB_ins_code_2 
_ndb_struct_na_base_pair_step.j_auth_asym_id_2 
_ndb_struct_na_base_pair_step.j_auth_seq_id_2 
_ndb_struct_na_base_pair_step.j_PDB_ins_code_2 
1 A DC 1 1_555 B DG 2 1_555 A DG 2 1_555 B DC 1 1_555 -0.171 5.618  4.185 3.634  5.596  -8.434  -37.148 3.737  0.423 -32.212 
20.916  -10.750 1 AA_DC1DG2:DC3DG4_BB   A 1 ? B 4  ? A 2 ? B 3  ? 
1 C DC 1 1_555 D DG 4 1_555 C DG 2 1_555 D DC 3 1_555 -0.267 5.698  3.987 0.603  -2.534 -11.824 -22.475 -0.185 5.096 12.107  2.881 
-12.106 2 CC_DC5DG6:DC11DG12_DD C 5 ? D 12 ? C 6 ? D 11 ? 
1 C DG 2 1_555 D DC 3 1_555 C DC 3 1_555 D DG 2 1_555 0.014  -0.569 3.038 5.101  -1.261 -48.825 0.773   0.373  3.008 1.520   6.150 
-49.090 3 CC_DG6DC7:DG10DC11_DD C 6 ? D 11 ? C 7 ? D 10 ? 
1 C DC 3 1_555 D DG 2 1_555 C DG 4 1_555 D DC 1 1_555 -0.155 5.609  3.842 -4.616 -2.399 -12.965 -20.034 -6.475 4.476 10.108  
-19.450 -13.966 4 CC_DC7DG8:DC9DG10_DD  C 7 ? D 10 ? C 8 ? D 9  ? 
# 
_atom_sites.entry_id                    1D53 
_atom_sites.fract_transf_matrix[1][1]   -0.03645118 
_atom_sites.fract_transf_matrix[1][2]   -0.00079379 
_atom_sites.fract_transf_matrix[1][3]   0.00762321 
_atom_sites.fract_transf_matrix[2][1]   -0.02438382 
_atom_sites.fract_transf_matrix[2][2]   0.01460472 
_atom_sites.fract_transf_matrix[2][3]   -0.02407374 
_atom_sites.fract_transf_matrix[3][1]   -0.00175640 
_atom_sites.fract_transf_matrix[3][2]   -0.02025205 
_atom_sites.fract_transf_matrix[3][3]   -0.01050720 
_atom_sites.fract_transf_vector[1]      0.489766 
_atom_sites.fract_transf_vector[2]      0.252621 
_atom_sites.fract_transf_vector[3]      0.485157 
# 
loop_
_atom_type.symbol 
C 
N 
O 
P 
# 
loop_
_atom_site.group_PDB 
_atom_site.id 
_atom_site.type_symbol 
_atom_site.label_atom_id 
_atom_site.label_alt_id 
_atom_site.label_comp_id 
_atom_site.label_asym_id 
_atom_site.label_entity_id 
_atom_site.label_seq_id 
_atom_site.pdbx_PDB_ins_code 
_atom_site.Cartn_x 
_atom_site.Cartn_y 
_atom_site.Cartn_z 
_atom_site.occupancy 
_atom_site.B_iso_or_equiv 
_atom_site.pdbx_formal_charge 
_atom_site.auth_seq_id 
_atom_site.auth_comp_id 
_atom_site.auth_asym_id 
_atom_site.auth_atom_id 
_atom_site.pdbx_PDB_model_num 
ATOM   1   O "O5'" . DC  A 1 1 ? 13.751  -3.289 3.122   1.00 28.49 ? 1  DC  A "O5'" 1 
ATOM   2   C "C5'" . DC  A 1 1 ? 15.011  -2.534 3.066   1.00 28.03 ? 1  DC  A "C5'" 1 
ATOM   3   C "C4'" . DC  A 1 1 ? 15.071  -2.166 1.566   1.00 20.15 ? 1  DC  A "C4'" 1 
ATOM   4   O "O4'" . DC  A 1 1 ? 13.745  -2.512 1.152   1.00 25.45 ? 1  DC  A "O4'" 1 
ATOM   5   C "C3'" . DC  A 1 1 ? 15.348  -0.720 1.237   1.00 18.62 ? 1  DC  A "C3'" 1 
ATOM   6   O "O3'" . DC  A 1 1 ? 15.733  -0.401 -0.101  1.00 38.82 ? 1  DC  A "O3'" 1 
ATOM   7   C "C2'" . DC  A 1 1 ? 13.994  -0.122 1.480   1.00 11.06 ? 1  DC  A "C2'" 1 
ATOM   8   C "C1'" . DC  A 1 1 ? 13.361  -1.256 0.603   1.00 19.01 ? 1  DC  A "C1'" 1 
ATOM   9   N N1    . DC  A 1 1 ? 11.911  -1.149 0.707   1.00 18.48 ? 1  DC  A N1    1 
ATOM   10  C C2    . DC  A 1 1 ? 11.270  -0.564 -0.373  1.00 22.41 ? 1  DC  A C2    1 
ATOM   11  O O2    . DC  A 1 1 ? 11.816  -0.126 -1.430  1.00 19.96 ? 1  DC  A O2    1 
ATOM   12  N N3    . DC  A 1 1 ? 9.924   -0.414 -0.122  1.00 26.59 ? 1  DC  A N3    1 
ATOM   13  C C4    . DC  A 1 1 ? 9.270   -0.834 1.007   1.00 17.34 ? 1  DC  A C4    1 
ATOM   14  N N4    . DC  A 1 1 ? 7.946   -0.682 1.143   1.00 15.66 ? 1  DC  A N4    1 
ATOM   15  C C5    . DC  A 1 1 ? 9.991   -1.426 2.076   1.00 18.87 ? 1  DC  A C5    1 
ATOM   16  C C6    . DC  A 1 1 ? 11.327  -1.535 1.833   1.00 16.17 ? 1  DC  A C6    1 
ATOM   17  P P     . DG  A 1 2 ? 17.297  -0.769 -0.146  1.00 44.15 ? 2  DG  A P     1 
ATOM   18  O OP1   . DG  A 1 2 ? 17.551  -0.851 1.414   1.00 40.74 ? 2  DG  A OP1   1 
ATOM   19  O OP2   . DG  A 1 2 ? 17.892  0.176  -0.916  1.00 25.72 ? 2  DG  A OP2   1 
ATOM   20  O "O5'" . DG  A 1 2 ? 17.257  -2.416 -0.050  1.00 28.61 ? 2  DG  A "O5'" 1 
ATOM   21  C "C5'" . DG  A 1 2 ? 18.562  -2.940 -0.419  1.00 22.91 ? 2  DG  A "C5'" 1 
ATOM   22  C "C4'" . DG  A 1 2 ? 18.648  -4.356 0.069   1.00 24.35 ? 2  DG  A "C4'" 1 
ATOM   23  O "O4'" . DG  A 1 2 ? 17.492  -4.496 0.808   1.00 24.20 ? 2  DG  A "O4'" 1 
ATOM   24  C "C3'" . DG  A 1 2 ? 18.388  -5.540 -0.840  1.00 17.62 ? 2  DG  A "C3'" 1 
ATOM   25  O "O3'" . DG  A 1 2 ? 19.481  -5.886 -1.766  1.00 29.85 ? 2  DG  A "O3'" 1 
ATOM   26  C "C2'" . DG  A 1 2 ? 18.187  -6.598 0.222   1.00 23.22 ? 2  DG  A "C2'" 1 
ATOM   27  C "C1'" . DG  A 1 2 ? 17.560  -5.813 1.336   1.00 10.05 ? 2  DG  A "C1'" 1 
ATOM   28  N N9    . DG  A 1 2 ? 16.205  -6.128 1.655   1.00 12.34 ? 2  DG  A N9    1 
ATOM   29  C C8    . DG  A 1 2 ? 15.672  -6.693 2.757   1.00 19.50 ? 2  DG  A C8    1 
ATOM   30  N N7    . DG  A 1 2 ? 14.365  -6.792 2.787   1.00 24.75 ? 2  DG  A N7    1 
ATOM   31  C C5    . DG  A 1 2 ? 14.004  -6.124 1.617   1.00 24.60 ? 2  DG  A C5    1 
ATOM   32  C C6    . DG  A 1 2 ? 12.731  -5.754 1.146   1.00 21.28 ? 2  DG  A C6    1 
ATOM   33  O O6    . DG  A 1 2 ? 11.599  -6.025 1.563   1.00 26.34 ? 2  DG  A O6    1 
ATOM   34  N N1    . DG  A 1 2 ? 12.810  -5.091 -0.078  1.00 22.93 ? 2  DG  A N1    1 
ATOM   35  C C2    . DG  A 1 2 ? 13.970  -4.760 -0.684  1.00 19.37 ? 2  DG  A C2    1 
ATOM   36  N N2    . DG  A 1 2 ? 13.805  -4.195 -1.887  1.00 19.68 ? 2  DG  A N2    1 
ATOM   37  N N3    . DG  A 1 2 ? 15.168  -5.045 -0.259  1.00 14.90 ? 2  DG  A N3    1 
ATOM   38  C C4    . DG  A 1 2 ? 15.109  -5.732 0.914   1.00 14.78 ? 2  DG  A C4    1 
ATOM   39  O "O5'" . DC  B 1 1 ? 5.318   -2.456 -5.333  1.00 30.90 ? 3  DC  B "O5'" 1 
ATOM   40  C "C5'" . DC  B 1 1 ? 5.944   -1.154 -5.244  1.00 32.76 ? 3  DC  B "C5'" 1 
ATOM   41  C "C4'" . DC  B 1 1 ? 7.450   -1.030 -5.203  1.00 31.90 ? 3  DC  B "C4'" 1 
ATOM   42  O "O4'" . DC  B 1 1 ? 7.800   -1.196 -3.837  1.00 21.83 ? 3  DC  B "O4'" 1 
ATOM   43  C "C3'" . DC  B 1 1 ? 8.288   -2.010 -6.063  1.00 29.27 ? 3  DC  B "C3'" 1 
ATOM   44  O "O3'" . DC  B 1 1 ? 9.199   -1.418 -7.023  1.00 34.55 ? 3  DC  B "O3'" 1 
ATOM   45  C "C2'" . DC  B 1 1 ? 8.936   -2.890 -4.949  1.00 19.46 ? 3  DC  B "C2'" 1 
ATOM   46  C "C1'" . DC  B 1 1 ? 8.981   -2.036 -3.738  1.00 22.91 ? 3  DC  B "C1'" 1 
ATOM   47  N N1    . DC  B 1 1 ? 8.974   -2.735 -2.448  1.00 21.86 ? 3  DC  B N1    1 
ATOM   48  C C2    . DC  B 1 1 ? 10.182  -3.263 -2.041  1.00 15.63 ? 3  DC  B C2    1 
ATOM   49  O O2    . DC  B 1 1 ? 11.195  -3.123 -2.802  1.00 23.68 ? 3  DC  B O2    1 
ATOM   50  N N3    . DC  B 1 1 ? 10.354  -3.883 -0.836  1.00 9.53  ? 3  DC  B N3    1 
ATOM   51  C C4    . DC  B 1 1 ? 9.215   -3.969 -0.052  1.00 23.79 ? 3  DC  B C4    1 
ATOM   52  N N4    . DC  B 1 1 ? 9.318   -4.554 1.098   1.00 23.60 ? 3  DC  B N4    1 
ATOM   53  C C5    . DC  B 1 1 ? 7.971   -3.434 -0.447  1.00 27.58 ? 3  DC  B C5    1 
ATOM   54  C C6    . DC  B 1 1 ? 7.872   -2.812 -1.666  1.00 22.07 ? 3  DC  B C6    1 
ATOM   55  P P     . DG  B 1 2 ? 9.541   -0.719 -8.503  1.00 41.90 ? 4  DG  B P     1 
ATOM   56  O OP1   . DG  B 1 2 ? 8.645   -1.578 -9.638  1.00 33.46 ? 4  DG  B OP1   1 
ATOM   57  O OP2   . DG  B 1 2 ? 10.858  -0.563 -9.097  1.00 29.94 ? 4  DG  B OP2   1 
ATOM   58  O "O5'" . DG  B 1 2 ? 8.574   0.717  -8.623  1.00 28.09 ? 4  DG  B "O5'" 1 
ATOM   59  C "C5'" . DG  B 1 2 ? 8.845   1.667  -7.618  1.00 21.42 ? 4  DG  B "C5'" 1 
ATOM   60  C "C4'" . DG  B 1 2 ? 7.711   2.550  -7.339  1.00 12.94 ? 4  DG  B "C4'" 1 
ATOM   61  O "O4'" . DG  B 1 2 ? 6.690   2.000  -6.530  1.00 15.28 ? 4  DG  B "O4'" 1 
ATOM   62  C "C3'" . DG  B 1 2 ? 8.139   3.793  -6.496  1.00 23.58 ? 4  DG  B "C3'" 1 
ATOM   63  O "O3'" . DG  B 1 2 ? 8.546   4.670  -7.472  1.00 27.90 ? 4  DG  B "O3'" 1 
ATOM   64  C "C2'" . DG  B 1 2 ? 6.919   4.196  -5.708  1.00 20.79 ? 4  DG  B "C2'" 1 
ATOM   65  C "C1'" . DG  B 1 2 ? 5.951   3.020  -5.895  1.00 21.23 ? 4  DG  B "C1'" 1 
ATOM   66  N N9    . DG  B 1 2 ? 5.736   2.565  -4.536  1.00 29.54 ? 4  DG  B N9    1 
ATOM   67  C C8    . DG  B 1 2 ? 4.625   2.546  -3.743  1.00 19.77 ? 4  DG  B C8    1 
ATOM   68  N N7    . DG  B 1 2 ? 4.921   2.094  -2.559  1.00 23.98 ? 4  DG  B N7    1 
ATOM   69  C C5    . DG  B 1 2 ? 6.327   1.887  -2.567  1.00 19.02 ? 4  DG  B C5    1 
ATOM   70  C C6    . DG  B 1 2 ? 7.222   1.456  -1.543  1.00 24.91 ? 4  DG  B C6    1 
ATOM   71  O O6    . DG  B 1 2 ? 6.811   1.243  -0.389  1.00 27.44 ? 4  DG  B O6    1 
ATOM   72  N N1    . DG  B 1 2 ? 8.575   1.352  -1.902  1.00 11.29 ? 4  DG  B N1    1 
ATOM   73  C C2    . DG  B 1 2 ? 8.994   1.744  -3.118  1.00 25.43 ? 4  DG  B C2    1 
ATOM   74  N N2    . DG  B 1 2 ? 10.331  1.631  -3.266  1.00 31.69 ? 4  DG  B N2    1 
ATOM   75  N N3    . DG  B 1 2 ? 8.166   2.188  -4.072  1.00 30.70 ? 4  DG  B N3    1 
ATOM   76  C C4    . DG  B 1 2 ? 6.850   2.220  -3.760  1.00 20.59 ? 4  DG  B C4    1 
ATOM   77  O "O5'" . DC  C 2 1 ? -10.078 4.284  8.424   1.00 34.31 ? 5  DC  C "O5'" 1 
ATOM   78  C "C5'" . DC  C 2 1 ? -9.005  5.142  8.027   1.00 25.41 ? 5  DC  C "C5'" 1 
ATOM   79  C "C4'" . DC  C 2 1 ? -7.774  4.272  7.700   1.00 24.05 ? 5  DC  C "C4'" 1 
ATOM   80  O "O4'" . DC  C 2 1 ? -7.959  3.966  6.351   1.00 12.67 ? 5  DC  C "O4'" 1 
ATOM   81  C "C3'" . DC  C 2 1 ? -6.507  5.062  7.858   1.00 17.68 ? 5  DC  C "C3'" 1 
ATOM   82  O "O3'" . DC  C 2 1 ? -5.271  4.331  7.976   1.00 33.64 ? 5  DC  C "O3'" 1 
ATOM   83  C "C2'" . DC  C 2 1 ? -6.695  5.851  6.549   1.00 22.48 ? 5  DC  C "C2'" 1 
ATOM   84  C "C1'" . DC  C 2 1 ? -7.131  4.788  5.541   1.00 16.79 ? 5  DC  C "C1'" 1 
ATOM   85  N N1    . DC  C 2 1 ? -7.827  5.385  4.419   1.00 14.33 ? 5  DC  C N1    1 
ATOM   86  C C2    . DC  C 2 1 ? -6.894  6.060  3.554   1.00 6.99  ? 5  DC  C C2    1 
ATOM   87  O O2    . DC  C 2 1 ? -5.697  6.022  3.931   1.00 11.02 ? 5  DC  C O2    1 
ATOM   88  N N3    . DC  C 2 1 ? -7.367  6.614  2.403   1.00 16.93 ? 5  DC  C N3    1 
ATOM   89  C C4    . DC  C 2 1 ? -8.718  6.788  2.122   1.00 10.04 ? 5  DC  C C4    1 
ATOM   90  N N4    . DC  C 2 1 ? -9.047  7.457  1.040   1.00 13.03 ? 5  DC  C N4    1 
ATOM   91  C C5    . DC  C 2 1 ? -9.582  6.217  3.064   1.00 11.03 ? 5  DC  C C5    1 
ATOM   92  C C6    . DC  C 2 1 ? -9.139  5.507  4.118   1.00 8.04  ? 5  DC  C C6    1 
ATOM   93  P P     . DG  C 2 2 ? -4.504  3.636  9.215   1.00 28.98 ? 6  DG  C P     1 
ATOM   94  O OP1   . DG  C 2 2 ? -5.316  3.957  10.483  1.00 25.31 ? 6  DG  C OP1   1 
ATOM   95  O OP2   . DG  C 2 2 ? -3.196  4.496  9.233   1.00 23.27 ? 6  DG  C OP2   1 
ATOM   96  O "O5'" . DG  C 2 2 ? -4.602  2.181  9.373   1.00 23.89 ? 6  DG  C "O5'" 1 
ATOM   97  C "C5'" . DG  C 2 2 ? -5.940  1.765  9.475   1.00 19.51 ? 6  DG  C "C5'" 1 
ATOM   98  C "C4'" . DG  C 2 2 ? -6.446  0.407  9.635   1.00 11.89 ? 6  DG  C "C4'" 1 
ATOM   99  O "O4'" . DG  C 2 2 ? -7.864  0.494  9.324   1.00 12.88 ? 6  DG  C "O4'" 1 
ATOM   100 C "C3'" . DG  C 2 2 ? -5.974  -0.731 8.743   1.00 30.46 ? 6  DG  C "C3'" 1 
ATOM   101 O "O3'" . DG  C 2 2 ? -5.778  -2.051 9.285   1.00 40.57 ? 6  DG  C "O3'" 1 
ATOM   102 C "C2'" . DG  C 2 2 ? -7.156  -0.924 7.733   1.00 27.00 ? 6  DG  C "C2'" 1 
ATOM   103 C "C1'" . DG  C 2 2 ? -8.376  -0.520 8.536   1.00 25.15 ? 6  DG  C "C1'" 1 
ATOM   104 N N9    . DG  C 2 2 ? -9.358  0.042  7.580   1.00 27.12 ? 6  DG  C N9    1 
ATOM   105 C C8    . DG  C 2 2 ? -10.693 0.057  7.450   1.00 18.67 ? 6  DG  C C8    1 
ATOM   106 N N7    . DG  C 2 2 ? -11.096 0.529  6.351   1.00 19.02 ? 6  DG  C N7    1 
ATOM   107 C C5    . DG  C 2 2 ? -9.992  0.909  5.642   1.00 11.15 ? 6  DG  C C5    1 
ATOM   108 C C6    . DG  C 2 2 ? -9.856  1.489  4.352   1.00 19.51 ? 6  DG  C C6    1 
ATOM   109 O O6    . DG  C 2 2 ? -10.764 1.910  3.597   1.00 16.45 ? 6  DG  C O6    1 
ATOM   110 N N1    . DG  C 2 2 ? -8.508  1.560  3.960   1.00 10.61 ? 6  DG  C N1    1 
ATOM   111 C C2    . DG  C 2 2 ? -7.530  1.102  4.708   1.00 8.66  ? 6  DG  C C2    1 
ATOM   112 N N2    . DG  C 2 2 ? -6.222  1.294  4.442   1.00 16.12 ? 6  DG  C N2    1 
ATOM   113 N N3    . DG  C 2 2 ? -7.642  0.589  5.935   1.00 26.24 ? 6  DG  C N3    1 
ATOM   114 C C4    . DG  C 2 2 ? -8.946  0.412  6.303   1.00 10.35 ? 6  DG  C C4    1 
ATOM   115 P P     . DC  C 2 3 ? -4.538  -3.120 8.959   1.00 40.67 ? 7  DC  C P     1 
ATOM   116 O OP1   . DC  C 2 3 ? -4.562  -3.916 10.259  1.00 35.18 ? 7  DC  C OP1   1 
ATOM   117 O OP2   . DC  C 2 3 ? -3.686  -1.834 8.923   1.00 25.51 ? 7  DC  C OP2   1 
ATOM   118 O "O5'" . DC  C 2 3 ? -4.591  -3.833 7.522   1.00 28.46 ? 7  DC  C "O5'" 1 
ATOM   119 C "C5'" . DC  C 2 3 ? -3.440  -3.323 6.853   1.00 25.83 ? 7  DC  C "C5'" 1 
ATOM   120 C "C4'" . DC  C 2 3 ? -3.197  -3.271 5.380   1.00 23.55 ? 7  DC  C "C4'" 1 
ATOM   121 O "O4'" . DC  C 2 3 ? -4.318  -3.676 4.644   1.00 13.01 ? 7  DC  C "O4'" 1 
ATOM   122 C "C3'" . DC  C 2 3 ? -2.900  -1.879 4.807   1.00 21.36 ? 7  DC  C "C3'" 1 
ATOM   123 O "O3'" . DC  C 2 3 ? -1.956  -1.984 3.758   1.00 28.69 ? 7  DC  C "O3'" 1 
ATOM   124 C "C2'" . DC  C 2 3 ? -4.362  -1.475 4.520   1.00 22.33 ? 7  DC  C "C2'" 1 
ATOM   125 C "C1'" . DC  C 2 3 ? -4.892  -2.739 3.790   1.00 11.77 ? 7  DC  C "C1'" 1 
ATOM   126 N N1    . DC  C 2 3 ? -6.330  -2.646 3.661   1.00 6.53  ? 7  DC  C N1    1 
ATOM   127 C C2    . DC  C 2 3 ? -6.709  -1.718 2.736   1.00 5.82  ? 7  DC  C C2    1 
ATOM   128 O O2    . DC  C 2 3 ? -5.835  -1.203 2.035   1.00 12.06 ? 7  DC  C O2    1 
ATOM   129 N N3    . DC  C 2 3 ? -8.050  -1.561 2.657   1.00 15.69 ? 7  DC  C N3    1 
ATOM   130 C C4    . DC  C 2 3 ? -8.920  -2.116 3.530   1.00 7.35  ? 7  DC  C C4    1 
ATOM   131 N N4    . DC  C 2 3 ? -10.205 -1.860 3.241   1.00 17.22 ? 7  DC  C N4    1 
ATOM   132 C C5    . DC  C 2 3 ? -8.574  -3.038 4.525   1.00 15.04 ? 7  DC  C C5    1 
ATOM   133 C C6    . DC  C 2 3 ? -7.234  -3.178 4.562   1.00 11.18 ? 7  DC  C C6    1 
ATOM   134 P P     . DG  C 2 4 ? -0.452  -2.090 3.595   1.00 33.28 ? 8  DG  C P     1 
ATOM   135 O OP1   . DG  C 2 4 ? 0.367   -1.827 4.931   1.00 35.56 ? 8  DG  C OP1   1 
ATOM   136 O OP2   . DG  C 2 4 ? -0.146  -0.942 2.694   1.00 35.71 ? 8  DG  C OP2   1 
ATOM   137 O "O5'" . DG  C 2 4 ? 0.494   -3.394 3.430   1.00 26.52 ? 8  DG  C "O5'" 1 
ATOM   138 C "C5'" . DG  C 2 4 ? 0.285   -4.329 4.466   1.00 23.01 ? 8  DG  C "C5'" 1 
ATOM   139 C "C4'" . DG  C 2 4 ? 0.390   -5.811 4.403   1.00 13.37 ? 8  DG  C "C4'" 1 
ATOM   140 O "O4'" . DG  C 2 4 ? -0.725  -6.222 5.229   1.00 16.59 ? 8  DG  C "O4'" 1 
ATOM   141 C "C3'" . DG  C 2 4 ? 0.217   -6.584 3.142   1.00 27.54 ? 8  DG  C "C3'" 1 
ATOM   142 O "O3'" . DG  C 2 4 ? 1.377   -7.208 2.562   1.00 31.23 ? 8  DG  C "O3'" 1 
ATOM   143 C "C2'" . DG  C 2 4 ? -0.681  -7.774 3.542   1.00 30.02 ? 8  DG  C "C2'" 1 
ATOM   144 C "C1'" . DG  C 2 4 ? -1.049  -7.596 4.982   1.00 27.59 ? 8  DG  C "C1'" 1 
ATOM   145 N N9    . DG  C 2 4 ? -2.500  -7.611 5.195   1.00 22.86 ? 8  DG  C N9    1 
ATOM   146 C C8    . DG  C 2 4 ? -3.239  -8.163 6.155   1.00 16.65 ? 8  DG  C C8    1 
ATOM   147 N N7    . DG  C 2 4 ? -4.553  -8.066 5.949   1.00 17.62 ? 8  DG  C N7    1 
ATOM   148 C C5    . DG  C 2 4 ? -4.658  -7.386 4.780   1.00 12.49 ? 8  DG  C C5    1 
ATOM   149 C C6    . DG  C 2 4 ? -5.811  -6.921 4.105   1.00 19.86 ? 8  DG  C C6    1 
ATOM   150 O O6    . DG  C 2 4 ? -6.987  -7.058 4.537   1.00 16.40 ? 8  DG  C O6    1 
ATOM   151 N N1    . DG  C 2 4 ? -5.531  -6.375 2.844   1.00 10.22 ? 8  DG  C N1    1 
ATOM   152 C C2    . DG  C 2 4 ? -4.320  -6.220 2.344   1.00 5.58  ? 8  DG  C C2    1 
ATOM   153 N N2    . DG  C 2 4 ? -4.028  -5.467 1.281   1.00 12.62 ? 8  DG  C N2    1 
ATOM   154 N N3    . DG  C 2 4 ? -3.157  -6.584 3.060   1.00 19.97 ? 8  DG  C N3    1 
ATOM   155 C C4    . DG  C 2 4 ? -3.395  -7.261 4.185   1.00 8.26  ? 8  DG  C C4    1 
ATOM   156 O "O5'" . DC  D 2 1 ? -11.282 -3.390 -3.919  1.00 30.39 ? 9  DC  D "O5'" 1 
ATOM   157 C "C5'" . DC  D 2 1 ? -10.531 -2.184 -4.140  1.00 25.53 ? 9  DC  D "C5'" 1 
ATOM   158 C "C4'" . DC  D 2 1 ? -9.175  -2.159 -3.455  1.00 17.63 ? 9  DC  D "C4'" 1 
ATOM   159 O "O4'" . DC  D 2 1 ? -9.270  -2.375 -2.090  1.00 24.24 ? 9  DC  D "O4'" 1 
ATOM   160 C "C3'" . DC  D 2 1 ? -8.188  -3.209 -3.938  1.00 18.25 ? 9  DC  D "C3'" 1 
ATOM   161 O "O3'" . DC  D 2 1 ? -6.884  -2.697 -4.256  1.00 20.75 ? 9  DC  D "O3'" 1 
ATOM   162 C "C2'" . DC  D 2 1 ? -8.112  -4.163 -2.767  1.00 14.36 ? 9  DC  D "C2'" 1 
ATOM   163 C "C1'" . DC  D 2 1 ? -8.197  -3.190 -1.584  1.00 13.57 ? 9  DC  D "C1'" 1 
ATOM   164 N N1    . DC  D 2 1 ? -8.632  -3.849 -0.392  1.00 13.78 ? 9  DC  D N1    1 
ATOM   165 C C2    . DC  D 2 1 ? -7.591  -4.429 0.343   1.00 15.05 ? 9  DC  D C2    1 
ATOM   166 O O2    . DC  D 2 1 ? -6.399  -4.492 0.035   1.00 14.50 ? 9  DC  D O2    1 
ATOM   167 N N3    . DC  D 2 1 ? -7.797  -5.106 1.549   1.00 21.21 ? 9  DC  D N3    1 
ATOM   168 C C4    . DC  D 2 1 ? -9.062  -5.269 1.969   1.00 7.51  ? 9  DC  D C4    1 
ATOM   169 N N4    . DC  D 2 1 ? -9.217  -5.885 3.115   1.00 22.35 ? 9  DC  D N4    1 
ATOM   170 C C5    . DC  D 2 1 ? -10.091 -4.712 1.200   1.00 6.76  ? 9  DC  D C5    1 
ATOM   171 C C6    . DC  D 2 1 ? -9.950  -4.013 0.030   1.00 7.51  ? 9  DC  D C6    1 
ATOM   172 P P     . DG  D 2 2 ? -6.384  -2.245 -5.716  1.00 33.75 ? 10 DG  D P     1 
ATOM   173 O OP1   . DG  D 2 2 ? -6.890  -3.027 -6.846  1.00 38.37 ? 10 DG  D OP1   1 
ATOM   174 O OP2   . DG  D 2 2 ? -4.979  -2.344 -5.484  1.00 36.64 ? 10 DG  D OP2   1 
ATOM   175 O "O5'" . DG  D 2 2 ? -7.055  -0.759 -5.821  1.00 30.19 ? 10 DG  D "O5'" 1 
ATOM   176 C "C5'" . DG  D 2 2 ? -6.493  0.568  -5.389  1.00 20.64 ? 10 DG  D "C5'" 1 
ATOM   177 C "C4'" . DG  D 2 2 ? -7.627  1.535  -5.408  1.00 18.91 ? 10 DG  D "C4'" 1 
ATOM   178 O "O4'" . DG  D 2 2 ? -8.763  1.027  -4.678  1.00 21.18 ? 10 DG  D "O4'" 1 
ATOM   179 C "C3'" . DG  D 2 2 ? -7.389  2.910  -4.798  1.00 24.93 ? 10 DG  D "C3'" 1 
ATOM   180 O "O3'" . DG  D 2 2 ? -7.280  3.954  -5.800  1.00 38.50 ? 10 DG  D "O3'" 1 
ATOM   181 C "C2'" . DG  D 2 2 ? -8.580  3.180  -3.870  1.00 19.95 ? 10 DG  D "C2'" 1 
ATOM   182 C "C1'" . DG  D 2 2 ? -9.568  2.171  -4.186  1.00 19.56 ? 10 DG  D "C1'" 1 
ATOM   183 N N9    . DG  D 2 2 ? -10.303 1.609  -3.048  1.00 14.34 ? 10 DG  D N9    1 
ATOM   184 C C8    . DG  D 2 2 ? -11.557 1.603  -2.637  1.00 4.54  ? 10 DG  D C8    1 
ATOM   185 N N7    . DG  D 2 2 ? -11.912 0.952  -1.588  1.00 20.82 ? 10 DG  D N7    1 
ATOM   186 C C5    . DG  D 2 2 ? -10.639 0.637  -1.098  1.00 24.89 ? 10 DG  D C5    1 
ATOM   187 C C6    . DG  D 2 2 ? -10.221 -0.067 0.065   1.00 20.93 ? 10 DG  D C6    1 
ATOM   188 O O6    . DG  D 2 2 ? -10.975 -0.526 0.922   1.00 21.87 ? 10 DG  D O6    1 
ATOM   189 N N1    . DG  D 2 2 ? -8.873  -0.147 0.201   1.00 16.81 ? 10 DG  D N1    1 
ATOM   190 C C2    . DG  D 2 2 ? -7.957  0.323  -0.695  1.00 19.07 ? 10 DG  D C2    1 
ATOM   191 N N2    . DG  D 2 2 ? -6.643  0.129  -0.551  1.00 26.06 ? 10 DG  D N2    1 
ATOM   192 N N3    . DG  D 2 2 ? -8.283  0.923  -1.806  1.00 20.94 ? 10 DG  D N3    1 
ATOM   193 C C4    . DG  D 2 2 ? -9.641  1.038  -1.982  1.00 22.77 ? 10 DG  D C4    1 
ATOM   194 P P     . DC  D 2 3 ? -6.354  5.250  -5.188  1.00 26.37 ? 11 DC  D P     1 
ATOM   195 O OP1   . DC  D 2 3 ? -6.983  5.751  -4.086  1.00 29.97 ? 11 DC  D OP1   1 
ATOM   196 O OP2   . DC  D 2 3 ? -5.759  5.796  -6.339  1.00 36.67 ? 11 DC  D OP2   1 
ATOM   197 O "O5'" . DC  D 2 3 ? -5.172  4.209  -4.396  1.00 31.83 ? 11 DC  D "O5'" 1 
ATOM   198 C "C5'" . DC  D 2 3 ? -4.313  5.128  -3.705  1.00 27.09 ? 11 DC  D "C5'" 1 
ATOM   199 C "C4'" . DC  D 2 3 ? -3.900  4.889  -2.264  1.00 23.10 ? 11 DC  D "C4'" 1 
ATOM   200 O "O4'" . DC  D 2 3 ? -4.891  5.171  -1.302  1.00 24.27 ? 11 DC  D "O4'" 1 
ATOM   201 C "C3'" . DC  D 2 3 ? -3.481  3.489  -1.912  1.00 21.17 ? 11 DC  D "C3'" 1 
ATOM   202 O "O3'" . DC  D 2 3 ? -2.381  3.494  -1.019  1.00 29.29 ? 11 DC  D "O3'" 1 
ATOM   203 C "C2'" . DC  D 2 3 ? -4.747  2.931  -1.281  1.00 15.91 ? 11 DC  D "C2'" 1 
ATOM   204 C "C1'" . DC  D 2 3 ? -5.135  4.141  -0.370  1.00 16.90 ? 11 DC  D "C1'" 1 
ATOM   205 N N1    . DC  D 2 3 ? -6.493  3.960  0.007   1.00 12.13 ? 11 DC  D N1    1 
ATOM   206 C C2    . DC  D 2 3 ? -6.776  3.137  1.116   1.00 12.94 ? 11 DC  D C2    1 
ATOM   207 O O2    . DC  D 2 3 ? -5.987  2.597  1.940   1.00 12.72 ? 11 DC  D O2    1 
ATOM   208 N N3    . DC  D 2 3 ? -8.091  3.048  1.490   1.00 23.24 ? 11 DC  D N3    1 
ATOM   209 C C4    . DC  D 2 3 ? -9.086  3.555  0.696   1.00 6.47  ? 11 DC  D C4    1 
ATOM   210 N N4    . DC  D 2 3 ? -10.377 3.395  1.023   1.00 24.46 ? 11 DC  D N4    1 
ATOM   211 C C5    . DC  D 2 3 ? -8.836  4.294  -0.426  1.00 5.87  ? 11 DC  D C5    1 
ATOM   212 C C6    . DC  D 2 3 ? -7.521  4.486  -0.750  1.00 7.93  ? 11 DC  D C6    1 
ATOM   213 P P     . DG  D 2 4 ? -0.786  3.211  -1.131  1.00 31.70 ? 12 DG  D P     1 
ATOM   214 O OP1   . DG  D 2 4 ? -0.407  2.380  -2.182  1.00 35.70 ? 12 DG  D OP1   1 
ATOM   215 O OP2   . DG  D 2 4 ? -0.682  2.603  0.195   1.00 35.87 ? 12 DG  D OP2   1 
ATOM   216 O "O5'" . DG  D 2 4 ? -0.395  4.713  -1.645  1.00 22.39 ? 12 DG  D "O5'" 1 
ATOM   217 C "C5'" . DG  D 2 4 ? -0.008  5.808  -0.747  1.00 19.59 ? 12 DG  D "C5'" 1 
ATOM   218 C "C4'" . DG  D 2 4 ? 0.114   7.031  -1.591  1.00 23.14 ? 12 DG  D "C4'" 1 
ATOM   219 O "O4'" . DG  D 2 4 ? -1.167  7.179  -2.188  1.00 20.23 ? 12 DG  D "O4'" 1 
ATOM   220 C "C3'" . DG  D 2 4 ? 0.427   8.325  -0.828  1.00 25.44 ? 12 DG  D "C3'" 1 
ATOM   221 O "O3'" . DG  D 2 4 ? 1.816   8.687  -1.044  1.00 38.74 ? 12 DG  D "O3'" 1 
ATOM   222 C "C2'" . DG  D 2 4 ? -0.575  9.370  -1.313  1.00 15.08 ? 12 DG  D "C2'" 1 
ATOM   223 C "C1'" . DG  D 2 4 ? -1.332  8.648  -2.373  1.00 21.49 ? 12 DG  D "C1'" 1 
ATOM   224 N N9    . DG  D 2 4 ? -2.807  8.778  -2.387  1.00 13.61 ? 12 DG  D N9    1 
ATOM   225 C C8    . DG  D 2 4 ? -3.696  9.228  -3.209  1.00 15.33 ? 12 DG  D C8    1 
ATOM   226 N N7    . DG  D 2 4 ? -4.929  9.115  -2.826  1.00 22.88 ? 12 DG  D N7    1 
ATOM   227 C C5    . DG  D 2 4 ? -4.796  8.546  -1.551  1.00 22.00 ? 12 DG  D C5    1 
ATOM   228 C C6    . DG  D 2 4 ? -5.760  8.117  -0.609  1.00 20.89 ? 12 DG  D C6    1 
ATOM   229 O O6    . DG  D 2 4 ? -6.955  8.240  -0.733  1.00 23.36 ? 12 DG  D O6    1 
ATOM   230 N N1    . DG  D 2 4 ? -5.269  7.669  0.609   1.00 19.90 ? 12 DG  D N1    1 
ATOM   231 C C2    . DG  D 2 4 ? -3.913  7.497  0.799   1.00 15.25 ? 12 DG  D C2    1 
ATOM   232 N N2    . DG  D 2 4 ? -3.613  6.916  2.013   1.00 23.47 ? 12 DG  D N2    1 
ATOM   233 N N3    . DG  D 2 4 ? -2.986  7.770  -0.071  1.00 16.00 ? 12 DG  D N3    1 
ATOM   234 C C4    . DG  D 2 4 ? -3.492  8.279  -1.254  1.00 18.76 ? 12 DG  D C4    1 
HETATM 235 O O     . HOH E 3 . ? 21.724  -5.461 -1.066  1.00 33.46 ? 27 HOH A O     1 
HETATM 236 O O     . HOH E 3 . ? 16.574  -2.315 -3.660  1.00 34.66 ? 51 HOH A O     1 
HETATM 237 O O     . HOH E 3 . ? 18.943  -2.090 -4.823  1.00 29.75 ? 61 HOH A O     1 
HETATM 238 O O     . HOH E 3 . ? 16.987  1.723  7.997   1.00 23.90 ? 67 HOH A O     1 
HETATM 239 O O     . HOH E 3 . ? 18.870  -3.804 -3.222  1.00 46.43 ? 70 HOH A O     1 
HETATM 240 O O     . HOH E 3 . ? 21.075  0.437  1.789   1.00 31.13 ? 75 HOH A O     1 
HETATM 241 O O     . HOH F 3 . ? 0.654   0.503  -5.241  1.00 55.00 ? 15 HOH B O     1 
HETATM 242 O O     . HOH F 3 . ? 9.561   -4.152 -10.673 1.00 44.66 ? 17 HOH B O     1 
HETATM 243 O O     . HOH F 3 . ? 12.235  1.807  -6.646  1.00 39.78 ? 19 HOH B O     1 
HETATM 244 O O     . HOH F 3 . ? 6.944   7.452  -6.896  1.00 45.29 ? 28 HOH B O     1 
HETATM 245 O O     . HOH F 3 . ? 9.391   -5.713 -11.740 1.00 40.56 ? 29 HOH B O     1 
HETATM 246 O O     . HOH F 3 . ? 13.712  -1.692 -4.030  1.00 21.71 ? 34 HOH B O     1 
HETATM 247 O O     . HOH F 3 . ? 4.257   4.068  -6.148  1.00 52.27 ? 42 HOH B O     1 
HETATM 248 O O     . HOH F 3 . ? 8.498   -5.132 -1.011  1.00 48.53 ? 44 HOH B O     1 
HETATM 249 O O     . HOH F 3 . ? 10.369  4.795  -13.202 1.00 44.08 ? 46 HOH B O     1 
HETATM 250 O O     . HOH F 3 . ? 10.517  1.535  -9.079  1.00 30.08 ? 47 HOH B O     1 
HETATM 251 O O     . HOH F 3 . ? 11.055  -2.491 -10.003 1.00 37.80 ? 48 HOH B O     1 
HETATM 252 O O     . HOH F 3 . ? 9.286   -5.081 3.669   1.00 33.14 ? 52 HOH B O     1 
HETATM 253 O O     . HOH F 3 . ? 13.349  -3.887 -11.720 1.00 40.54 ? 55 HOH B O     1 
HETATM 254 O O     . HOH F 3 . ? 9.629   -3.349 -7.180  1.00 41.91 ? 59 HOH B O     1 
HETATM 255 O O     . HOH F 3 . ? 9.692   6.709  -14.651 1.00 32.02 ? 60 HOH B O     1 
HETATM 256 O O     . HOH F 3 . ? 9.935   1.742  -11.560 1.00 29.04 ? 63 HOH B O     1 
HETATM 257 O O     . HOH F 3 . ? 11.279  -4.600 -14.402 1.00 33.70 ? 64 HOH B O     1 
HETATM 258 O O     . HOH F 3 . ? 2.042   -1.779 -5.264  1.00 47.63 ? 72 HOH B O     1 
HETATM 259 O O     . HOH F 3 . ? 16.216  -2.670 -12.939 1.00 31.30 ? 76 HOH B O     1 
HETATM 260 O O     . HOH G 3 . ? -3.245  3.993  4.272   1.00 20.96 ? 20 HOH C O     1 
HETATM 261 O O     . HOH G 3 . ? 0.029   -3.647 -0.070  1.00 47.91 ? 22 HOH C O     1 
HETATM 262 O O     . HOH G 3 . ? -3.614  -2.119 -0.113  1.00 20.56 ? 23 HOH C O     1 
HETATM 263 O O     . HOH G 3 . ? -10.878 -4.090 6.016   1.00 27.59 ? 31 HOH C O     1 
HETATM 264 O O     . HOH G 3 . ? 0.100   0.380  3.929   1.00 34.85 ? 32 HOH C O     1 
HETATM 265 O O     . HOH G 3 . ? -11.697 6.483  12.439  1.00 34.20 ? 39 HOH C O     1 
HETATM 266 O O     . HOH G 3 . ? -10.367 -6.496 7.198   1.00 30.20 ? 41 HOH C O     1 
HETATM 267 O O     . HOH G 3 . ? -5.223  -5.551 8.020   1.00 34.70 ? 45 HOH C O     1 
HETATM 268 O O     . HOH G 3 . ? -2.083  3.568  7.296   1.00 37.96 ? 49 HOH C O     1 
HETATM 269 O O     . HOH G 3 . ? -8.432  -8.808 6.381   1.00 31.15 ? 53 HOH C O     1 
HETATM 270 O O     . HOH G 3 . ? -12.210 -6.028 5.186   1.00 34.21 ? 56 HOH C O     1 
HETATM 271 O O     . HOH G 3 . ? -10.222 6.399  10.118  1.00 23.11 ? 66 HOH C O     1 
HETATM 272 O O     . HOH G 3 . ? -8.151  -5.382 7.364   1.00 34.61 ? 68 HOH C O     1 
HETATM 273 O O     . HOH G 3 . ? 1.489   1.812  2.480   1.00 42.88 ? 73 HOH C O     1 
HETATM 274 O O     . HOH G 3 . ? -3.312  1.761  6.007   1.00 35.38 ? 78 HOH C O     1 
HETATM 275 O O     . HOH H 3 . ? -13.718 -6.578 2.945   1.00 48.02 ? 13 HOH D O     1 
HETATM 276 O O     . HOH H 3 . ? -1.970  0.172  -1.700  1.00 46.01 ? 14 HOH D O     1 
HETATM 277 O O     . HOH H 3 . ? -8.572  -1.489 -5.426  1.00 32.70 ? 16 HOH D O     1 
HETATM 278 O O     . HOH H 3 . ? -1.721  6.764  1.267   1.00 34.64 ? 18 HOH D O     1 
HETATM 279 O O     . HOH H 3 . ? -6.163  0.943  -2.552  1.00 30.03 ? 21 HOH D O     1 
HETATM 280 O O     . HOH H 3 . ? -5.536  -3.966 -10.649 1.00 33.22 ? 24 HOH D O     1 
HETATM 281 O O     . HOH H 3 . ? -1.746  0.391  -3.902  1.00 32.05 ? 25 HOH D O     1 
HETATM 282 O O     . HOH H 3 . ? 1.245   -0.032 -0.626  1.00 39.19 ? 26 HOH D O     1 
HETATM 283 O O     . HOH H 3 . ? -14.551 -3.573 2.145   1.00 31.67 ? 30 HOH D O     1 
HETATM 284 O O     . HOH H 3 . ? -3.406  -2.641 -9.177  1.00 42.89 ? 33 HOH D O     1 
HETATM 285 O O     . HOH H 3 . ? -7.327  -5.583 -6.730  1.00 25.38 ? 35 HOH D O     1 
HETATM 286 O O     . HOH H 3 . ? -4.255  -4.281 -8.067  1.00 42.45 ? 36 HOH D O     1 
HETATM 287 O O     . HOH H 3 . ? 4.037   8.517  -2.801  1.00 34.75 ? 37 HOH D O     1 
HETATM 288 O O     . HOH H 3 . ? -6.818  -5.751 -11.538 1.00 42.28 ? 38 HOH D O     1 
HETATM 289 O O     . HOH H 3 . ? -11.068 6.914  -3.352  1.00 23.67 ? 40 HOH D O     1 
HETATM 290 O O     . HOH H 3 . ? -3.819  -3.469 -3.461  1.00 38.29 ? 43 HOH D O     1 
HETATM 291 O O     . HOH H 3 . ? 2.406   6.707  -2.968  1.00 34.48 ? 50 HOH D O     1 
HETATM 292 O O     . HOH H 3 . ? -6.529  3.941  -2.777  1.00 46.94 ? 54 HOH D O     1 
HETATM 293 O O     . HOH H 3 . ? -10.794 -8.260 3.589   1.00 31.26 ? 57 HOH D O     1 
HETATM 294 O O     . HOH H 3 . ? -2.795  11.734 -1.405  1.00 39.11 ? 58 HOH D O     1 
HETATM 295 O O     . HOH H 3 . ? 3.350   -0.378 0.569   1.00 31.15 ? 62 HOH D O     1 
HETATM 296 O O     . HOH H 3 . ? -12.523 6.514  2.402   1.00 29.37 ? 65 HOH D O     1 
HETATM 297 O O     . HOH H 3 . ? -1.644  4.062  -3.084  1.00 42.27 ? 69 HOH D O     1 
HETATM 298 O O     . HOH H 3 . ? 1.996   -0.465 -3.886  1.00 30.34 ? 71 HOH D O     1 
HETATM 299 O O     . HOH H 3 . ? -12.477 5.182  -2.270  1.00 41.64 ? 74 HOH D O     1 
HETATM 300 O O     . HOH H 3 . ? 2.368   8.641  2.286   1.00 47.99 ? 77 HOH D O     1 
HETATM 301 O O     . HOH H 3 . ? -13.630 3.976  0.541   1.00 41.63 ? 79 HOH D O     1 
HETATM 302 O O     . HOH H 3 . ? 4.312   5.975  -1.314  1.00 34.28 ? 80 HOH D O     1 
HETATM 303 O O     . HOH H 3 . ? 5.911   9.794  -2.986  1.00 34.37 ? 81 HOH D O     1 
# 
